data_5VCR
#
_entry.id   5VCR
#
_cell.length_a   105.670
_cell.length_b   105.670
_cell.length_c   171.950
_cell.angle_alpha   90.00
_cell.angle_beta   90.00
_cell.angle_gamma   90.00
#
_symmetry.space_group_name_H-M   'P 43 21 2'
#
loop_
_entity.id
_entity.type
_entity.pdbx_description
1 polymer 'Alpha-1,6-mannosyl-glycoprotein 2-beta-N-acetylglucosaminyltransferase'
2 non-polymer 'URANYL (VI) ION'
3 non-polymer 2-acetamido-2-deoxy-beta-D-glucopyranose
4 non-polymer 'CHLORIDE ION'
5 non-polymer 'DIMETHYL SULFOXIDE'
6 water water
#
_entity_poly.entity_id   1
_entity_poly.type   'polypeptide(L)'
_entity_poly.pdbx_seq_one_letter_code
;GRQRKNEALAPPLLDAEPARGAGGRGGDHPSVAVGIRRVSNVSAASLVPAVPQPEADNLTLRYRSLVYQLNFDQTLRNVD
KAGTWAPRELVLVVQVHNRPEYLRLLLDSLRKAQGIDNVLVIFSHDFWSTEINQLIAGVNFCPVLQVFFPFSIQLYPNEF
PGSDPRDCPRDLPKNAALKLGCINAEYPDSFGHYREAKFSQTKHHWWWKLHFVWERVKILRDYAGLILFLEEDHYLAPDF
YHVFKKMWKLKQQECPECDVLSLGTYSASRSFYGMADKVDVKTWKSTEHNMGLALTRNAYQKLIECTDTFCTYDDYNWDW
TLQYLTVSCLPKFWKVLVPQIPRIFHAGDCGMHHKKTCRPSTQSAQIESLLNNNKQYMFPETLTISEKFTVVAISPPRKN
GGWGDIRDHELCKSYRRLQ
;
_entity_poly.pdbx_strand_id   A,B
#
# COMPACT_ATOMS: atom_id res chain seq x y z
N ALA A 56 6.40 10.39 19.77
CA ALA A 56 4.96 10.36 19.43
C ALA A 56 4.29 8.93 19.29
N ASP A 57 3.91 8.30 20.42
CA ASP A 57 3.58 6.87 20.58
C ASP A 57 2.08 6.50 20.52
N ASN A 58 1.14 7.32 21.00
CA ASN A 58 -0.24 6.82 21.07
C ASN A 58 -0.86 6.77 19.67
N LEU A 59 -2.09 6.25 19.62
CA LEU A 59 -2.68 5.91 18.32
C LEU A 59 -2.83 7.14 17.43
N THR A 60 -3.26 8.29 17.99
CA THR A 60 -3.43 9.46 17.15
C THR A 60 -2.10 9.91 16.59
N LEU A 61 -1.04 9.92 17.41
CA LEU A 61 0.27 10.28 16.86
C LEU A 61 0.80 9.26 15.85
N ARG A 62 0.53 7.96 16.04
CA ARG A 62 0.90 7.01 15.00
C ARG A 62 0.21 7.34 13.68
N TYR A 63 -1.10 7.66 13.72
CA TYR A 63 -1.80 8.03 12.49
C TYR A 63 -1.20 9.30 11.89
N ARG A 64 -0.78 10.27 12.72
CA ARG A 64 -0.21 11.50 12.14
C ARG A 64 1.13 11.19 11.43
N SER A 65 1.96 10.30 12.03
CA SER A 65 3.22 9.91 11.41
C SER A 65 3.00 9.18 10.08
N LEU A 66 2.08 8.20 10.04
CA LEU A 66 1.72 7.54 8.78
C LEU A 66 1.25 8.55 7.74
N VAL A 67 0.39 9.47 8.14
CA VAL A 67 -0.16 10.41 7.17
C VAL A 67 0.96 11.22 6.53
N TYR A 68 1.85 11.77 7.36
CA TYR A 68 2.93 12.60 6.87
C TYR A 68 3.85 11.79 5.96
N GLN A 69 4.20 10.56 6.37
CA GLN A 69 5.09 9.74 5.55
C GLN A 69 4.42 9.32 4.24
N LEU A 70 3.17 8.87 4.30
CA LEU A 70 2.55 8.37 3.08
C LEU A 70 2.29 9.50 2.08
N ASN A 71 1.97 10.73 2.56
CA ASN A 71 1.77 11.86 1.65
C ASN A 71 3.06 12.28 0.99
N PHE A 72 4.19 12.03 1.65
CA PHE A 72 5.52 12.33 1.11
C PHE A 72 5.99 11.27 0.10
N ASP A 73 5.84 9.98 0.44
CA ASP A 73 6.35 8.89 -0.38
C ASP A 73 5.48 8.71 -1.64
N GLN A 74 4.17 8.75 -1.49
CA GLN A 74 3.20 8.68 -2.60
C GLN A 74 3.40 7.38 -3.39
N THR A 75 3.24 6.26 -2.68
CA THR A 75 3.44 4.94 -3.27
C THR A 75 2.33 4.68 -4.29
N LEU A 76 2.71 4.47 -5.52
CA LEU A 76 1.77 4.30 -6.62
C LEU A 76 1.54 2.80 -6.84
N ARG A 77 0.34 2.30 -6.56
CA ARG A 77 0.10 0.86 -6.74
C ARG A 77 -0.18 0.53 -8.21
N ASN A 78 0.26 -0.67 -8.64
CA ASN A 78 -0.06 -1.29 -9.91
C ASN A 78 0.63 -0.62 -11.09
N VAL A 79 1.68 0.17 -10.89
CA VAL A 79 2.48 0.62 -12.03
C VAL A 79 3.93 0.18 -11.83
N ASP A 80 4.54 -0.23 -12.94
CA ASP A 80 5.98 -0.50 -13.03
C ASP A 80 6.63 0.84 -13.36
N LYS A 81 7.04 1.55 -12.31
CA LYS A 81 7.66 2.86 -12.41
C LYS A 81 8.87 2.85 -13.35
N ALA A 82 9.46 1.69 -13.62
CA ALA A 82 10.52 1.62 -14.62
C ALA A 82 9.98 1.80 -16.03
N GLY A 83 8.71 1.46 -16.27
CA GLY A 83 8.17 1.53 -17.61
C GLY A 83 7.87 2.95 -18.08
N THR A 84 7.07 3.07 -19.14
CA THR A 84 6.78 4.34 -19.79
C THR A 84 5.46 4.97 -19.34
N TRP A 85 4.77 4.42 -18.36
CA TRP A 85 3.44 4.93 -18.01
C TRP A 85 3.53 6.29 -17.33
N ALA A 86 2.57 7.14 -17.67
CA ALA A 86 2.35 8.44 -17.06
C ALA A 86 0.86 8.76 -17.21
N PRO A 87 0.28 9.43 -16.25
CA PRO A 87 -1.15 9.75 -16.34
C PRO A 87 -1.43 10.66 -17.52
N ARG A 88 -2.45 10.31 -18.28
CA ARG A 88 -2.83 11.03 -19.48
C ARG A 88 -4.35 11.13 -19.56
N GLU A 89 -4.81 12.24 -20.11
CA GLU A 89 -6.23 12.53 -20.33
C GLU A 89 -7.06 12.69 -19.05
N LEU A 90 -7.17 11.67 -18.24
CA LEU A 90 -8.06 11.72 -17.09
C LEU A 90 -7.44 11.09 -15.84
N VAL A 91 -7.61 11.79 -14.72
CA VAL A 91 -7.32 11.32 -13.38
C VAL A 91 -8.58 11.46 -12.53
N LEU A 92 -8.89 10.44 -11.73
CA LEU A 92 -10.00 10.51 -10.79
C LEU A 92 -9.46 10.82 -9.39
N VAL A 93 -10.14 11.72 -8.66
CA VAL A 93 -9.89 11.97 -7.22
C VAL A 93 -11.19 11.72 -6.44
N VAL A 94 -11.15 10.77 -5.51
CA VAL A 94 -12.33 10.34 -4.74
C VAL A 94 -12.18 10.87 -3.32
N GLN A 95 -13.11 11.70 -2.85
CA GLN A 95 -13.11 12.10 -1.45
C GLN A 95 -13.74 10.99 -0.62
N VAL A 96 -12.99 10.47 0.33
CA VAL A 96 -13.39 9.31 1.13
C VAL A 96 -13.49 9.71 2.61
N HIS A 97 -14.63 9.40 3.24
CA HIS A 97 -14.76 9.65 4.68
C HIS A 97 -14.79 8.32 5.41
N ASN A 98 -15.95 7.89 5.91
CA ASN A 98 -16.02 6.64 6.68
C ASN A 98 -17.30 5.85 6.38
N ARG A 99 -17.57 5.54 5.11
CA ARG A 99 -18.71 4.69 4.74
C ARG A 99 -18.16 3.60 3.81
N PRO A 100 -17.50 2.58 4.39
CA PRO A 100 -16.90 1.54 3.54
C PRO A 100 -17.93 0.85 2.61
N GLU A 101 -19.17 0.66 3.07
CA GLU A 101 -20.14 -0.04 2.26
C GLU A 101 -20.45 0.72 0.97
N TYR A 102 -20.31 2.04 0.99
CA TYR A 102 -20.49 2.83 -0.21
C TYR A 102 -19.23 2.84 -1.06
N LEU A 103 -18.06 2.98 -0.43
CA LEU A 103 -16.80 2.90 -1.16
C LEU A 103 -16.77 1.60 -1.95
N ARG A 104 -17.28 0.51 -1.36
CA ARG A 104 -17.26 -0.78 -2.03
C ARG A 104 -18.07 -0.73 -3.32
N LEU A 105 -19.22 -0.04 -3.32
CA LEU A 105 -20.00 0.06 -4.55
C LEU A 105 -19.27 0.85 -5.60
N LEU A 106 -18.61 1.94 -5.19
CA LEU A 106 -17.83 2.71 -6.15
C LEU A 106 -16.74 1.85 -6.74
N LEU A 107 -16.06 1.06 -5.90
CA LEU A 107 -14.97 0.21 -6.40
C LEU A 107 -15.53 -0.83 -7.36
N ASP A 108 -16.70 -1.38 -7.04
CA ASP A 108 -17.40 -2.26 -7.97
C ASP A 108 -17.58 -1.59 -9.33
N SER A 109 -17.98 -0.32 -9.34
CA SER A 109 -18.28 0.29 -10.64
C SER A 109 -16.99 0.56 -11.41
N LEU A 110 -15.92 0.91 -10.72
CA LEU A 110 -14.64 1.08 -11.40
C LEU A 110 -14.13 -0.25 -11.94
N ARG A 111 -14.33 -1.35 -11.19
CA ARG A 111 -13.91 -2.65 -11.71
C ARG A 111 -14.62 -2.98 -13.01
N LYS A 112 -15.91 -2.61 -13.15
CA LYS A 112 -16.69 -2.93 -14.34
C LYS A 112 -16.53 -1.90 -15.46
N ALA A 113 -15.87 -0.79 -15.22
CA ALA A 113 -15.77 0.25 -16.24
C ALA A 113 -14.77 -0.12 -17.33
N GLN A 114 -15.11 0.22 -18.57
CA GLN A 114 -14.27 -0.10 -19.72
C GLN A 114 -13.09 0.88 -19.88
N GLY A 115 -11.93 0.36 -20.28
CA GLY A 115 -10.88 1.20 -20.80
C GLY A 115 -10.09 2.01 -19.78
N ILE A 116 -10.16 1.70 -18.49
CA ILE A 116 -9.51 2.49 -17.48
C ILE A 116 -8.29 1.80 -16.86
N ASP A 117 -7.68 0.80 -17.52
CA ASP A 117 -6.46 0.17 -17.02
C ASP A 117 -5.34 1.17 -16.78
N ASN A 118 -5.34 2.30 -17.48
CA ASN A 118 -4.24 3.24 -17.34
C ASN A 118 -4.64 4.53 -16.65
N VAL A 119 -5.90 4.66 -16.17
CA VAL A 119 -6.43 5.86 -15.50
C VAL A 119 -6.05 5.83 -14.02
N LEU A 120 -5.30 6.84 -13.59
CA LEU A 120 -4.90 6.96 -12.18
C LEU A 120 -6.12 7.30 -11.35
N VAL A 121 -6.38 6.52 -10.30
CA VAL A 121 -7.42 6.82 -9.34
C VAL A 121 -6.77 7.21 -8.02
N ILE A 122 -6.97 8.44 -7.57
CA ILE A 122 -6.44 8.92 -6.29
C ILE A 122 -7.56 8.88 -5.26
N PHE A 123 -7.33 8.17 -4.17
CA PHE A 123 -8.25 8.18 -3.05
C PHE A 123 -7.72 9.11 -1.95
N SER A 124 -8.54 10.06 -1.54
CA SER A 124 -8.19 11.08 -0.54
C SER A 124 -9.02 10.83 0.70
N HIS A 125 -8.34 10.53 1.84
CA HIS A 125 -8.96 10.04 3.07
C HIS A 125 -8.91 11.05 4.19
N ASP A 126 -10.03 11.23 4.88
CA ASP A 126 -9.92 11.89 6.18
C ASP A 126 -10.21 10.93 7.33
N PHE A 127 -10.17 9.62 7.08
CA PHE A 127 -10.41 8.68 8.17
C PHE A 127 -9.61 7.45 7.87
N TRP A 128 -8.76 7.05 8.82
CA TRP A 128 -7.90 5.88 8.67
C TRP A 128 -8.62 4.69 9.26
N SER A 129 -8.85 3.64 8.45
CA SER A 129 -9.31 2.38 9.04
C SER A 129 -8.81 1.18 8.24
N THR A 130 -8.63 0.06 8.93
CA THR A 130 -8.17 -1.13 8.22
C THR A 130 -9.20 -1.55 7.16
N GLU A 131 -10.50 -1.45 7.47
CA GLU A 131 -11.52 -1.82 6.49
C GLU A 131 -11.41 -0.99 5.22
N ILE A 132 -11.25 0.33 5.36
CA ILE A 132 -11.16 1.19 4.20
C ILE A 132 -9.86 0.92 3.44
N ASN A 133 -8.73 0.84 4.16
CA ASN A 133 -7.46 0.61 3.46
C ASN A 133 -7.45 -0.74 2.76
N GLN A 134 -8.08 -1.75 3.37
CA GLN A 134 -8.12 -3.07 2.74
C GLN A 134 -8.99 -3.09 1.46
N LEU A 135 -10.13 -2.36 1.46
CA LEU A 135 -10.94 -2.23 0.22
C LEU A 135 -10.11 -1.63 -0.89
N ILE A 136 -9.39 -0.54 -0.60
CA ILE A 136 -8.61 0.05 -1.66
CA ILE A 136 -8.54 0.12 -1.59
C ILE A 136 -7.40 -0.81 -2.02
N ALA A 137 -6.80 -1.54 -1.06
CA ALA A 137 -5.66 -2.38 -1.39
C ALA A 137 -6.05 -3.54 -2.32
N GLY A 138 -7.32 -3.95 -2.32
CA GLY A 138 -7.77 -5.00 -3.22
C GLY A 138 -7.85 -4.56 -4.67
N VAL A 139 -7.78 -3.25 -4.94
CA VAL A 139 -7.83 -2.76 -6.32
C VAL A 139 -6.52 -3.12 -7.04
N ASN A 140 -6.57 -4.11 -7.95
CA ASN A 140 -5.39 -4.53 -8.69
C ASN A 140 -5.45 -4.15 -10.18
N PHE A 141 -6.48 -3.38 -10.61
CA PHE A 141 -6.79 -3.25 -12.04
C PHE A 141 -6.55 -1.85 -12.61
N CYS A 142 -6.08 -0.89 -11.82
CA CYS A 142 -5.68 0.39 -12.39
C CYS A 142 -4.68 1.02 -11.44
N PRO A 143 -3.91 2.01 -11.91
CA PRO A 143 -3.02 2.75 -10.99
C PRO A 143 -3.80 3.39 -9.84
N VAL A 144 -3.26 3.25 -8.62
CA VAL A 144 -3.94 3.72 -7.41
C VAL A 144 -2.96 4.51 -6.56
N LEU A 145 -3.39 5.67 -6.07
CA LEU A 145 -2.63 6.41 -5.06
C LEU A 145 -3.57 6.73 -3.90
N GLN A 146 -3.13 6.54 -2.65
CA GLN A 146 -3.91 7.04 -1.49
C GLN A 146 -3.19 8.25 -0.93
N VAL A 147 -3.92 9.34 -0.69
CA VAL A 147 -3.39 10.49 0.06
C VAL A 147 -4.33 10.74 1.24
N PHE A 148 -3.83 11.49 2.26
CA PHE A 148 -4.52 11.59 3.55
C PHE A 148 -4.61 13.04 3.98
N PHE A 149 -5.84 13.50 4.19
CA PHE A 149 -6.05 14.85 4.70
C PHE A 149 -5.39 14.99 6.08
N PRO A 150 -4.40 15.86 6.24
CA PRO A 150 -3.63 15.88 7.50
C PRO A 150 -4.26 16.65 8.65
N PHE A 151 -5.44 17.25 8.49
CA PHE A 151 -6.07 18.05 9.53
C PHE A 151 -7.44 17.52 9.86
N SER A 152 -7.57 16.19 9.88
CA SER A 152 -8.89 15.67 10.12
C SER A 152 -9.22 15.64 11.61
N ILE A 153 -10.50 15.47 11.89
CA ILE A 153 -10.93 15.30 13.27
C ILE A 153 -10.30 14.07 13.90
N GLN A 154 -10.14 13.01 13.13
CA GLN A 154 -9.46 11.81 13.66
C GLN A 154 -8.05 12.12 14.18
N LEU A 155 -7.30 12.94 13.46
CA LEU A 155 -5.94 13.28 13.87
C LEU A 155 -5.89 14.35 14.96
N TYR A 156 -6.93 15.17 15.10
CA TYR A 156 -6.96 16.27 16.08
C TYR A 156 -8.29 16.23 16.85
N PRO A 157 -8.51 15.20 17.67
CA PRO A 157 -9.85 15.05 18.27
C PRO A 157 -10.22 16.14 19.28
N ASN A 158 -9.29 16.55 20.16
CA ASN A 158 -9.61 17.44 21.26
C ASN A 158 -8.94 18.80 21.16
N GLU A 159 -8.58 19.22 19.95
CA GLU A 159 -8.06 20.55 19.72
C GLU A 159 -8.50 20.93 18.31
N PHE A 160 -8.47 22.23 17.99
CA PHE A 160 -8.88 22.66 16.65
C PHE A 160 -8.00 21.93 15.63
N PRO A 161 -8.55 21.40 14.51
CA PRO A 161 -9.88 21.54 13.91
C PRO A 161 -10.89 20.53 14.43
N GLY A 162 -10.53 19.70 15.41
CA GLY A 162 -11.50 18.96 16.18
C GLY A 162 -12.16 19.88 17.21
N SER A 163 -12.61 19.31 18.31
CA SER A 163 -13.42 20.03 19.29
C SER A 163 -12.58 20.37 20.52
N ASP A 164 -12.06 21.55 20.58
CA ASP A 164 -11.40 22.02 21.83
C ASP A 164 -12.45 22.24 22.91
N PRO A 165 -12.23 21.72 24.18
CA PRO A 165 -13.13 22.04 25.32
C PRO A 165 -13.34 23.54 25.58
N ARG A 166 -12.43 24.37 25.12
CA ARG A 166 -12.55 25.82 25.32
C ARG A 166 -13.40 26.49 24.22
N ASP A 167 -13.89 25.73 23.23
CA ASP A 167 -14.73 26.30 22.15
C ASP A 167 -16.09 26.73 22.69
N CYS A 168 -16.72 27.68 22.00
CA CYS A 168 -18.05 28.12 22.45
C CYS A 168 -19.08 27.05 22.15
N PRO A 169 -20.06 26.82 23.02
CA PRO A 169 -21.23 26.01 22.61
C PRO A 169 -21.97 26.62 21.42
N ARG A 170 -22.54 25.73 20.58
CA ARG A 170 -23.14 26.12 19.30
C ARG A 170 -24.11 27.30 19.45
N ASP A 171 -25.02 27.24 20.44
CA ASP A 171 -26.09 28.22 20.60
C ASP A 171 -25.89 29.19 21.75
N LEU A 172 -24.70 29.31 22.32
CA LEU A 172 -24.51 30.26 23.42
C LEU A 172 -24.66 31.68 22.86
N PRO A 173 -25.49 32.53 23.46
CA PRO A 173 -25.63 33.90 22.96
C PRO A 173 -24.32 34.64 23.03
N LYS A 174 -24.17 35.67 22.18
CA LYS A 174 -22.86 36.30 22.03
C LYS A 174 -22.35 36.92 23.33
N ASN A 175 -23.23 37.55 24.09
CA ASN A 175 -22.79 38.24 25.31
C ASN A 175 -22.34 37.23 26.34
N ALA A 176 -23.06 36.11 26.47
CA ALA A 176 -22.59 35.07 27.37
C ALA A 176 -21.31 34.43 26.85
N ALA A 177 -21.15 34.30 25.52
CA ALA A 177 -19.90 33.74 24.99
C ALA A 177 -18.71 34.63 25.32
N LEU A 178 -18.87 35.95 25.17
CA LEU A 178 -17.77 36.86 25.48
C LEU A 178 -17.44 36.83 26.97
N LYS A 179 -18.45 36.73 27.83
CA LYS A 179 -18.17 36.68 29.27
C LYS A 179 -17.47 35.40 29.65
N LEU A 180 -17.84 34.27 29.03
CA LEU A 180 -17.15 33.01 29.28
C LEU A 180 -15.71 33.05 28.78
N GLY A 181 -15.46 33.83 27.71
CA GLY A 181 -14.17 33.85 27.09
C GLY A 181 -13.89 32.65 26.23
N CYS A 182 -14.92 32.03 25.67
CA CYS A 182 -14.62 30.85 24.88
C CYS A 182 -13.94 31.28 23.57
N ILE A 183 -13.10 30.38 23.02
CA ILE A 183 -12.09 30.74 22.02
C ILE A 183 -12.67 31.56 20.88
N ASN A 184 -13.76 31.09 20.28
CA ASN A 184 -14.25 31.72 19.06
C ASN A 184 -15.42 32.66 19.32
N ALA A 185 -15.53 33.19 20.55
CA ALA A 185 -16.71 33.96 20.88
C ALA A 185 -16.92 35.14 19.95
N GLU A 186 -15.84 35.76 19.45
CA GLU A 186 -16.03 36.91 18.57
C GLU A 186 -16.34 36.52 17.12
N TYR A 187 -16.40 35.24 16.80
CA TYR A 187 -16.52 34.79 15.39
C TYR A 187 -17.62 33.74 15.23
N PRO A 188 -18.87 34.06 15.57
CA PRO A 188 -19.98 33.18 15.22
C PRO A 188 -20.19 33.25 13.71
N ASP A 189 -21.00 32.32 13.16
CA ASP A 189 -21.37 32.42 11.74
C ASP A 189 -22.44 33.52 11.61
N SER A 190 -23.00 33.67 10.39
CA SER A 190 -23.97 34.71 10.10
C SER A 190 -25.27 34.58 10.89
N PHE A 191 -25.54 33.43 11.47
CA PHE A 191 -26.82 33.25 12.14
C PHE A 191 -26.63 33.18 13.65
N GLY A 192 -25.48 33.62 14.13
CA GLY A 192 -25.21 33.64 15.54
C GLY A 192 -24.79 32.30 16.10
N HIS A 193 -24.38 31.35 15.27
CA HIS A 193 -24.05 30.03 15.79
C HIS A 193 -22.55 29.78 15.77
N TYR A 194 -22.08 29.03 16.76
CA TYR A 194 -20.65 28.79 16.83
C TYR A 194 -20.33 27.42 16.24
N ARG A 195 -19.08 27.28 15.85
CA ARG A 195 -18.64 26.15 15.00
C ARG A 195 -18.93 24.78 15.64
N GLU A 196 -19.30 23.82 14.80
CA GLU A 196 -19.26 22.40 15.14
C GLU A 196 -18.24 21.73 14.21
N ALA A 197 -17.23 21.09 14.81
CA ALA A 197 -16.11 20.59 14.00
C ALA A 197 -16.56 19.68 12.87
N LYS A 198 -17.52 18.77 13.12
CA LYS A 198 -17.88 17.80 12.09
C LYS A 198 -18.50 18.45 10.86
N PHE A 199 -19.11 19.65 10.98
CA PHE A 199 -19.63 20.30 9.76
C PHE A 199 -18.57 21.09 9.01
N SER A 200 -17.41 21.35 9.61
CA SER A 200 -16.32 22.03 8.89
C SER A 200 -15.45 21.09 8.07
N GLN A 201 -15.41 19.80 8.39
CA GLN A 201 -14.37 18.94 7.82
C GLN A 201 -14.50 18.77 6.31
N THR A 202 -15.74 18.61 5.79
CA THR A 202 -15.87 18.30 4.34
C THR A 202 -15.32 19.44 3.48
N LYS A 203 -15.56 20.71 3.89
CA LYS A 203 -15.08 21.82 3.06
C LYS A 203 -13.56 21.92 3.14
N HIS A 204 -13.00 21.78 4.36
CA HIS A 204 -11.53 21.71 4.49
C HIS A 204 -10.94 20.63 3.59
N HIS A 205 -11.44 19.39 3.73
CA HIS A 205 -10.87 18.29 2.96
C HIS A 205 -10.91 18.61 1.48
N TRP A 206 -12.05 19.16 1.01
CA TRP A 206 -12.23 19.41 -0.42
C TRP A 206 -11.20 20.43 -0.92
N TRP A 207 -11.01 21.53 -0.18
CA TRP A 207 -10.03 22.51 -0.67
C TRP A 207 -8.59 21.99 -0.51
N TRP A 208 -8.31 21.34 0.61
CA TRP A 208 -6.95 20.80 0.79
C TRP A 208 -6.58 19.86 -0.37
N LYS A 209 -7.47 18.93 -0.73
CA LYS A 209 -7.06 17.91 -1.73
C LYS A 209 -7.06 18.48 -3.13
N LEU A 210 -7.86 19.54 -3.39
CA LEU A 210 -7.77 20.27 -4.65
C LEU A 210 -6.36 20.75 -4.87
N HIS A 211 -5.83 21.47 -3.90
CA HIS A 211 -4.48 21.97 -4.04
C HIS A 211 -3.47 20.80 -4.03
N PHE A 212 -3.71 19.76 -3.22
CA PHE A 212 -2.70 18.72 -3.07
C PHE A 212 -2.50 17.97 -4.39
N VAL A 213 -3.60 17.56 -5.04
CA VAL A 213 -3.47 16.76 -6.27
C VAL A 213 -2.88 17.61 -7.39
N TRP A 214 -3.23 18.91 -7.46
CA TRP A 214 -2.73 19.70 -8.60
C TRP A 214 -1.30 20.20 -8.38
N GLU A 215 -0.86 20.31 -7.15
CA GLU A 215 0.46 20.89 -6.86
C GLU A 215 1.39 20.02 -6.05
N ARG A 216 0.92 18.97 -5.35
CA ARG A 216 1.86 18.23 -4.48
C ARG A 216 2.01 16.77 -4.85
N VAL A 217 1.26 16.27 -5.83
CA VAL A 217 1.35 14.87 -6.21
C VAL A 217 2.42 14.74 -7.29
N LYS A 218 3.50 14.02 -6.97
CA LYS A 218 4.67 14.03 -7.84
C LYS A 218 4.33 13.51 -9.23
N ILE A 219 3.50 12.47 -9.32
CA ILE A 219 3.26 11.86 -10.65
C ILE A 219 2.42 12.76 -11.55
N LEU A 220 1.79 13.81 -10.97
CA LEU A 220 0.98 14.75 -11.75
C LEU A 220 1.72 16.02 -12.07
N ARG A 221 3.02 16.05 -11.80
CA ARG A 221 3.87 17.15 -12.19
C ARG A 221 3.86 17.29 -13.71
N ASP A 222 3.61 18.51 -14.17
CA ASP A 222 3.40 18.80 -15.60
C ASP A 222 2.29 17.95 -16.24
N TYR A 223 1.26 17.59 -15.47
CA TYR A 223 0.11 16.89 -16.02
C TYR A 223 -0.73 17.83 -16.90
N ALA A 224 -1.09 17.33 -18.09
CA ALA A 224 -1.80 18.14 -19.07
C ALA A 224 -3.26 17.72 -19.29
N GLY A 225 -3.80 16.79 -18.51
CA GLY A 225 -5.16 16.33 -18.68
C GLY A 225 -6.10 17.00 -17.71
N LEU A 226 -7.23 16.34 -17.46
CA LEU A 226 -8.23 16.85 -16.55
C LEU A 226 -8.25 15.97 -15.32
N ILE A 227 -8.79 16.52 -14.24
CA ILE A 227 -8.95 15.79 -12.99
C ILE A 227 -10.40 15.81 -12.62
N LEU A 228 -10.95 14.64 -12.37
CA LEU A 228 -12.37 14.47 -12.13
C LEU A 228 -12.61 14.17 -10.66
N PHE A 229 -13.42 15.01 -10.00
CA PHE A 229 -13.64 14.93 -8.55
C PHE A 229 -14.96 14.22 -8.26
N LEU A 230 -14.91 13.18 -7.43
CA LEU A 230 -16.10 12.44 -7.06
C LEU A 230 -15.97 11.98 -5.62
N GLU A 231 -16.94 11.20 -5.14
CA GLU A 231 -17.00 10.87 -3.74
C GLU A 231 -17.27 9.39 -3.59
N GLU A 232 -17.06 8.93 -2.36
CA GLU A 232 -17.22 7.53 -1.98
C GLU A 232 -18.61 7.03 -2.26
N ASP A 233 -19.62 7.90 -2.35
CA ASP A 233 -20.97 7.38 -2.54
C ASP A 233 -21.47 7.67 -3.95
N HIS A 234 -20.55 7.79 -4.90
CA HIS A 234 -20.91 7.78 -6.32
C HIS A 234 -20.68 6.39 -6.95
N TYR A 235 -21.24 6.23 -8.15
CA TYR A 235 -21.17 5.01 -8.91
C TYR A 235 -21.03 5.41 -10.36
N LEU A 236 -20.03 4.86 -11.07
CA LEU A 236 -19.73 5.29 -12.43
C LEU A 236 -20.30 4.34 -13.46
N ALA A 237 -20.87 4.91 -14.53
CA ALA A 237 -21.37 4.05 -15.60
C ALA A 237 -20.16 3.43 -16.34
N PRO A 238 -20.32 2.22 -16.87
CA PRO A 238 -19.17 1.53 -17.46
C PRO A 238 -18.60 2.20 -18.70
N ASP A 239 -19.33 3.09 -19.38
CA ASP A 239 -18.79 3.82 -20.51
C ASP A 239 -18.34 5.25 -20.16
N PHE A 240 -18.21 5.56 -18.87
CA PHE A 240 -17.93 6.94 -18.47
C PHE A 240 -16.62 7.45 -19.09
N TYR A 241 -15.61 6.58 -19.22
CA TYR A 241 -14.34 7.06 -19.73
C TYR A 241 -14.44 7.34 -21.23
N HIS A 242 -15.01 6.37 -21.97
CA HIS A 242 -15.36 6.55 -23.37
C HIS A 242 -16.10 7.86 -23.59
N VAL A 243 -17.10 8.13 -22.77
CA VAL A 243 -17.90 9.34 -22.97
C VAL A 243 -17.08 10.56 -22.58
N PHE A 244 -16.32 10.47 -21.49
CA PHE A 244 -15.51 11.60 -21.08
C PHE A 244 -14.57 12.05 -22.21
N LYS A 245 -13.85 11.11 -22.84
CA LYS A 245 -12.90 11.50 -23.88
C LYS A 245 -13.59 12.20 -25.05
N LYS A 246 -14.77 11.71 -25.45
CA LYS A 246 -15.47 12.42 -26.51
C LYS A 246 -16.00 13.78 -26.05
N MET A 247 -16.37 13.91 -24.77
CA MET A 247 -16.83 15.18 -24.26
C MET A 247 -15.71 16.20 -24.30
N TRP A 248 -14.51 15.79 -23.89
CA TRP A 248 -13.38 16.71 -23.87
C TRP A 248 -13.03 17.18 -25.27
N LYS A 249 -13.04 16.25 -26.25
CA LYS A 249 -12.79 16.66 -27.63
C LYS A 249 -13.86 17.64 -28.10
N LEU A 250 -15.12 17.35 -27.78
CA LEU A 250 -16.22 18.24 -28.18
C LEU A 250 -16.09 19.61 -27.49
N LYS A 251 -15.62 19.62 -26.24
CA LYS A 251 -15.34 20.89 -25.57
C LYS A 251 -14.33 21.72 -26.38
N GLN A 252 -13.20 21.11 -26.78
CA GLN A 252 -12.17 21.79 -27.57
C GLN A 252 -12.67 22.18 -28.96
N GLN A 253 -13.58 21.41 -29.52
CA GLN A 253 -14.03 21.78 -30.86
C GLN A 253 -15.10 22.86 -30.81
N GLU A 254 -16.01 22.78 -29.84
CA GLU A 254 -17.26 23.52 -29.89
C GLU A 254 -17.60 24.34 -28.67
N CYS A 255 -16.92 24.17 -27.54
CA CYS A 255 -17.21 24.96 -26.35
C CYS A 255 -15.93 25.55 -25.79
N PRO A 256 -15.35 26.54 -26.47
CA PRO A 256 -14.19 27.24 -25.89
C PRO A 256 -14.47 27.88 -24.53
N GLU A 257 -15.71 28.36 -24.32
CA GLU A 257 -16.03 29.10 -23.09
C GLU A 257 -16.37 28.19 -21.95
N CYS A 258 -16.45 26.87 -22.17
CA CYS A 258 -16.67 25.93 -21.09
C CYS A 258 -15.38 25.69 -20.32
N ASP A 259 -15.43 25.89 -19.00
CA ASP A 259 -14.29 25.64 -18.12
C ASP A 259 -14.33 24.30 -17.44
N VAL A 260 -15.50 23.70 -17.29
CA VAL A 260 -15.56 22.44 -16.55
C VAL A 260 -16.48 21.48 -17.31
N LEU A 261 -16.30 20.20 -17.03
CA LEU A 261 -17.12 19.13 -17.56
C LEU A 261 -17.79 18.43 -16.39
N SER A 262 -18.97 17.91 -16.63
CA SER A 262 -19.68 17.11 -15.64
C SER A 262 -20.05 15.74 -16.22
N LEU A 263 -19.97 14.69 -15.42
CA LEU A 263 -20.40 13.38 -15.94
C LEU A 263 -21.92 13.19 -15.88
N GLY A 264 -22.65 14.05 -15.22
CA GLY A 264 -24.10 13.90 -15.27
C GLY A 264 -24.71 14.54 -14.05
N THR A 265 -26.00 14.87 -14.19
CA THR A 265 -26.80 15.39 -13.08
C THR A 265 -27.48 14.22 -12.35
N TYR A 266 -28.42 14.55 -11.47
CA TYR A 266 -29.11 13.55 -10.66
C TYR A 266 -30.36 13.00 -11.30
N SER A 267 -30.75 13.49 -12.48
CA SER A 267 -31.96 13.02 -13.16
C SER A 267 -31.57 12.06 -14.27
N ALA A 268 -32.08 10.84 -14.19
CA ALA A 268 -31.82 9.77 -15.15
C ALA A 268 -33.15 9.35 -15.76
N SER A 269 -33.23 9.38 -17.08
CA SER A 269 -34.39 8.89 -17.81
C SER A 269 -34.48 7.36 -17.75
N ARG A 270 -35.71 6.85 -17.83
CA ARG A 270 -35.90 5.41 -17.85
C ARG A 270 -35.33 4.78 -19.12
N SER A 271 -35.54 5.42 -20.27
CA SER A 271 -34.95 4.99 -21.54
C SER A 271 -33.95 6.02 -22.02
N PHE A 272 -32.78 5.56 -22.47
CA PHE A 272 -31.72 6.41 -22.99
C PHE A 272 -31.95 6.83 -24.44
N TYR A 273 -33.04 6.37 -25.06
CA TYR A 273 -33.32 6.64 -26.47
C TYR A 273 -33.29 8.15 -26.76
N GLY A 274 -32.68 8.51 -27.89
CA GLY A 274 -32.63 9.87 -28.35
C GLY A 274 -31.75 10.81 -27.55
N MET A 275 -31.18 10.34 -26.45
CA MET A 275 -30.42 11.23 -25.57
C MET A 275 -29.02 10.74 -25.23
N ALA A 276 -28.71 9.47 -25.44
CA ALA A 276 -27.44 8.92 -24.95
C ALA A 276 -26.23 9.52 -25.65
N ASP A 277 -26.40 10.15 -26.81
CA ASP A 277 -25.26 10.74 -27.51
C ASP A 277 -25.25 12.27 -27.47
N LYS A 278 -26.04 12.90 -26.59
CA LYS A 278 -26.23 14.34 -26.58
C LYS A 278 -25.63 14.95 -25.31
N VAL A 279 -24.96 16.09 -25.49
CA VAL A 279 -24.43 16.86 -24.36
CA VAL A 279 -24.39 16.87 -24.40
C VAL A 279 -24.94 18.29 -24.51
N ASP A 280 -25.08 18.98 -23.37
CA ASP A 280 -25.60 20.35 -23.30
C ASP A 280 -24.52 21.26 -22.74
N VAL A 281 -24.53 22.55 -23.12
CA VAL A 281 -23.76 23.60 -22.47
C VAL A 281 -24.72 24.33 -21.53
N LYS A 282 -24.34 24.43 -20.28
CA LYS A 282 -25.20 25.00 -19.24
C LYS A 282 -24.37 25.87 -18.28
N THR A 283 -25.05 26.76 -17.59
CA THR A 283 -24.42 27.39 -16.42
C THR A 283 -24.15 26.34 -15.35
N TRP A 284 -22.91 26.24 -14.87
CA TRP A 284 -22.67 25.30 -13.78
C TRP A 284 -23.48 25.72 -12.55
N LYS A 285 -24.25 24.76 -12.02
CA LYS A 285 -25.19 24.96 -10.91
C LYS A 285 -24.88 23.91 -9.85
N SER A 286 -24.53 24.35 -8.62
CA SER A 286 -23.99 23.39 -7.65
C SER A 286 -24.95 22.22 -7.43
N THR A 287 -26.26 22.47 -7.43
CA THR A 287 -27.18 21.38 -7.11
C THR A 287 -27.34 20.36 -8.23
N GLU A 288 -26.94 20.69 -9.45
CA GLU A 288 -27.05 19.76 -10.57
C GLU A 288 -25.74 19.14 -10.97
N HIS A 289 -24.63 19.87 -10.78
CA HIS A 289 -23.36 19.53 -11.42
C HIS A 289 -22.23 19.32 -10.43
N ASN A 290 -22.54 19.06 -9.16
CA ASN A 290 -21.47 18.89 -8.18
C ASN A 290 -20.92 17.47 -8.12
N MET A 291 -21.46 16.55 -8.93
CA MET A 291 -21.12 15.13 -8.89
C MET A 291 -20.34 14.75 -10.15
N GLY A 292 -19.08 14.35 -10.00
CA GLY A 292 -18.30 13.98 -11.16
C GLY A 292 -17.90 15.22 -11.94
N LEU A 293 -17.30 16.18 -11.23
CA LEU A 293 -16.89 17.46 -11.78
C LEU A 293 -15.43 17.40 -12.24
N ALA A 294 -15.20 17.70 -13.52
CA ALA A 294 -13.88 17.59 -14.11
C ALA A 294 -13.36 18.97 -14.40
N LEU A 295 -12.15 19.23 -13.89
CA LEU A 295 -11.46 20.50 -13.97
C LEU A 295 -10.25 20.44 -14.90
N THR A 296 -10.08 21.50 -15.67
CA THR A 296 -8.83 21.71 -16.37
C THR A 296 -7.80 22.36 -15.45
N ARG A 297 -6.54 22.33 -15.88
CA ARG A 297 -5.52 23.11 -15.20
C ARG A 297 -5.90 24.59 -15.12
N ASN A 298 -6.54 25.13 -16.17
CA ASN A 298 -6.93 26.55 -16.17
C ASN A 298 -8.01 26.84 -15.13
N ALA A 299 -9.04 25.99 -15.05
CA ALA A 299 -10.02 26.14 -14.00
C ALA A 299 -9.39 25.99 -12.63
N TYR A 300 -8.46 25.02 -12.49
CA TYR A 300 -7.77 24.88 -11.21
C TYR A 300 -7.05 26.18 -10.85
N GLN A 301 -6.27 26.75 -11.79
CA GLN A 301 -5.49 27.94 -11.46
C GLN A 301 -6.39 29.10 -11.04
N LYS A 302 -7.52 29.31 -11.74
CA LYS A 302 -8.47 30.37 -11.36
C LYS A 302 -9.09 30.10 -9.99
N LEU A 303 -9.43 28.84 -9.72
CA LEU A 303 -9.97 28.49 -8.40
C LEU A 303 -8.95 28.78 -7.28
N ILE A 304 -7.70 28.39 -7.48
CA ILE A 304 -6.78 28.49 -6.35
C ILE A 304 -6.44 29.95 -6.09
N GLU A 305 -6.50 30.79 -7.14
CA GLU A 305 -6.34 32.22 -6.95
C GLU A 305 -7.49 32.82 -6.16
N CYS A 306 -8.64 32.11 -6.07
CA CYS A 306 -9.79 32.50 -5.25
C CYS A 306 -9.78 31.88 -3.82
N THR A 307 -8.62 31.38 -3.37
CA THR A 307 -8.53 30.76 -2.03
C THR A 307 -9.10 31.69 -0.93
N ASP A 308 -8.71 32.96 -0.92
CA ASP A 308 -9.10 33.75 0.24
C ASP A 308 -10.62 33.95 0.27
N THR A 309 -11.25 34.07 -0.91
CA THR A 309 -12.70 34.17 -0.96
C THR A 309 -13.35 32.85 -0.60
N PHE A 310 -12.88 31.74 -1.19
CA PHE A 310 -13.46 30.44 -0.84
C PHE A 310 -13.34 30.19 0.65
N CYS A 311 -12.17 30.48 1.22
CA CYS A 311 -11.93 30.11 2.62
C CYS A 311 -12.62 31.05 3.61
N THR A 312 -13.08 32.23 3.19
CA THR A 312 -13.74 33.10 4.15
C THR A 312 -15.24 33.19 3.94
N TYR A 313 -15.75 32.80 2.78
CA TYR A 313 -17.19 32.86 2.54
C TYR A 313 -17.95 31.97 3.53
N ASP A 314 -18.98 32.54 4.18
CA ASP A 314 -19.67 31.87 5.31
C ASP A 314 -20.73 30.88 4.81
N ASP A 315 -20.23 29.79 4.22
CA ASP A 315 -21.05 28.63 3.87
C ASP A 315 -20.18 27.38 4.05
N TYR A 316 -20.62 26.45 4.88
CA TYR A 316 -19.82 25.26 5.11
C TYR A 316 -19.86 24.27 3.93
N ASN A 317 -20.74 24.49 2.91
CA ASN A 317 -20.79 23.59 1.75
C ASN A 317 -19.73 24.01 0.75
N TRP A 318 -18.80 23.09 0.40
CA TRP A 318 -17.86 23.46 -0.67
C TRP A 318 -18.57 23.84 -1.94
N ASP A 319 -19.67 23.16 -2.28
CA ASP A 319 -20.24 23.41 -3.62
C ASP A 319 -21.05 24.71 -3.67
N TRP A 320 -21.77 25.08 -2.61
CA TRP A 320 -22.39 26.42 -2.55
C TRP A 320 -21.34 27.53 -2.57
N THR A 321 -20.19 27.31 -1.92
CA THR A 321 -19.12 28.29 -1.98
C THR A 321 -18.61 28.45 -3.40
N LEU A 322 -18.45 27.33 -4.14
CA LEU A 322 -18.07 27.43 -5.57
C LEU A 322 -19.08 28.25 -6.32
N GLN A 323 -20.37 28.02 -6.05
CA GLN A 323 -21.38 28.85 -6.72
C GLN A 323 -21.13 30.34 -6.45
N TYR A 324 -20.80 30.68 -5.21
CA TYR A 324 -20.51 32.08 -4.89
C TYR A 324 -19.27 32.58 -5.67
N LEU A 325 -18.23 31.73 -5.79
CA LEU A 325 -17.06 32.12 -6.59
C LEU A 325 -17.44 32.43 -8.04
N THR A 326 -18.42 31.70 -8.61
CA THR A 326 -18.76 31.96 -10.03
C THR A 326 -19.30 33.35 -10.25
N VAL A 327 -19.95 33.97 -9.24
CA VAL A 327 -20.47 35.31 -9.42
C VAL A 327 -19.67 36.36 -8.66
N SER A 328 -18.69 35.96 -7.82
CA SER A 328 -18.07 36.97 -6.98
C SER A 328 -16.56 36.84 -6.84
N CYS A 329 -15.85 36.09 -7.68
CA CYS A 329 -14.38 35.98 -7.56
C CYS A 329 -13.76 35.48 -8.88
N LEU A 330 -14.32 34.42 -9.48
CA LEU A 330 -13.80 33.93 -10.75
C LEU A 330 -13.90 35.00 -11.86
N PRO A 331 -12.94 35.05 -12.77
CA PRO A 331 -13.00 36.10 -13.79
C PRO A 331 -14.21 35.96 -14.69
N LYS A 332 -14.72 34.74 -14.91
CA LYS A 332 -15.91 34.48 -15.74
C LYS A 332 -16.68 33.35 -15.09
N PHE A 333 -18.01 33.45 -15.05
CA PHE A 333 -18.80 32.42 -14.39
C PHE A 333 -18.67 31.11 -15.18
N TRP A 334 -18.79 30.00 -14.48
CA TRP A 334 -18.51 28.70 -15.07
C TRP A 334 -19.65 28.25 -15.98
N LYS A 335 -19.29 27.82 -17.19
CA LYS A 335 -20.16 27.07 -18.06
C LYS A 335 -19.72 25.62 -18.08
N VAL A 336 -20.67 24.69 -18.05
CA VAL A 336 -20.33 23.27 -17.91
C VAL A 336 -20.84 22.54 -19.14
N LEU A 337 -20.05 21.57 -19.62
CA LEU A 337 -20.49 20.64 -20.66
C LEU A 337 -20.94 19.38 -19.94
N VAL A 338 -22.17 18.94 -20.21
CA VAL A 338 -22.82 17.89 -19.40
C VAL A 338 -23.70 16.99 -20.28
N PRO A 339 -23.59 15.64 -20.17
CA PRO A 339 -24.45 14.78 -20.99
C PRO A 339 -25.91 14.83 -20.55
N GLN A 340 -26.79 14.56 -21.51
CA GLN A 340 -28.23 14.47 -21.24
C GLN A 340 -28.59 13.20 -20.46
N ILE A 341 -27.80 12.14 -20.61
CA ILE A 341 -27.92 10.89 -19.86
C ILE A 341 -26.73 10.80 -18.89
N PRO A 342 -26.95 10.72 -17.59
CA PRO A 342 -25.82 10.77 -16.66
C PRO A 342 -24.94 9.53 -16.74
N ARG A 343 -23.64 9.73 -16.65
CA ARG A 343 -22.69 8.62 -16.54
C ARG A 343 -22.15 8.45 -15.11
N ILE A 344 -22.77 9.12 -14.14
CA ILE A 344 -22.43 8.95 -12.74
C ILE A 344 -23.76 8.98 -12.00
N PHE A 345 -23.83 8.27 -10.88
CA PHE A 345 -25.04 8.20 -10.07
C PHE A 345 -24.69 8.33 -8.59
N HIS A 346 -25.67 8.75 -7.82
CA HIS A 346 -25.51 8.98 -6.40
C HIS A 346 -26.11 7.80 -5.64
N ALA A 347 -25.28 7.10 -4.90
CA ALA A 347 -25.81 6.06 -3.98
C ALA A 347 -26.05 6.69 -2.59
N PRO A 360 -26.65 -0.62 1.07
CA PRO A 360 -26.93 0.01 -0.22
C PRO A 360 -27.16 -1.00 -1.33
N SER A 361 -27.57 -2.22 -0.95
CA SER A 361 -27.79 -3.28 -1.94
C SER A 361 -28.92 -2.91 -2.90
N THR A 362 -30.08 -2.53 -2.36
CA THR A 362 -31.22 -2.20 -3.21
C THR A 362 -30.88 -1.05 -4.14
N GLN A 363 -30.37 0.05 -3.58
CA GLN A 363 -29.98 1.21 -4.38
C GLN A 363 -28.85 0.88 -5.36
N SER A 364 -28.07 -0.17 -5.08
CA SER A 364 -27.04 -0.60 -6.02
C SER A 364 -27.63 -1.34 -7.22
N ALA A 365 -28.57 -2.26 -6.96
CA ALA A 365 -29.25 -2.97 -8.03
C ALA A 365 -30.15 -2.05 -8.85
N GLN A 366 -30.75 -1.04 -8.21
CA GLN A 366 -31.54 -0.05 -8.94
C GLN A 366 -30.70 0.71 -9.96
N ILE A 367 -29.43 1.03 -9.63
CA ILE A 367 -28.51 1.61 -10.62
C ILE A 367 -28.22 0.61 -11.73
N GLU A 368 -27.92 -0.63 -11.34
CA GLU A 368 -27.51 -1.64 -12.29
C GLU A 368 -28.66 -2.07 -13.20
N SER A 369 -29.89 -2.11 -12.71
CA SER A 369 -31.02 -2.47 -13.58
C SER A 369 -31.23 -1.44 -14.67
N LEU A 370 -31.17 -0.15 -14.32
CA LEU A 370 -31.31 0.92 -15.30
C LEU A 370 -30.25 0.80 -16.39
N LEU A 371 -28.99 0.59 -16.00
CA LEU A 371 -27.92 0.47 -16.99
C LEU A 371 -28.14 -0.74 -17.90
N ASN A 372 -28.58 -1.86 -17.33
CA ASN A 372 -28.73 -3.08 -18.13
C ASN A 372 -29.93 -3.01 -19.07
N ASN A 373 -30.94 -2.20 -18.76
CA ASN A 373 -32.04 -2.02 -19.72
C ASN A 373 -31.60 -1.21 -20.94
N ASN A 374 -30.60 -0.36 -20.78
CA ASN A 374 -30.16 0.56 -21.83
C ASN A 374 -28.79 0.19 -22.42
N LYS A 375 -28.39 -1.09 -22.34
CA LYS A 375 -27.11 -1.54 -22.91
C LYS A 375 -26.91 -1.05 -24.33
N GLN A 376 -27.95 -1.13 -25.18
CA GLN A 376 -27.83 -0.79 -26.59
C GLN A 376 -27.42 0.67 -26.81
N TYR A 377 -27.65 1.54 -25.84
CA TYR A 377 -27.34 2.96 -26.01
C TYR A 377 -25.98 3.36 -25.47
N MET A 378 -25.33 2.49 -24.69
CA MET A 378 -24.08 2.92 -24.11
C MET A 378 -22.98 2.82 -25.17
N PHE A 379 -21.85 3.44 -24.85
CA PHE A 379 -20.72 3.59 -25.75
C PHE A 379 -21.10 4.26 -27.09
N PRO A 380 -21.73 5.44 -27.05
CA PRO A 380 -22.10 6.11 -28.32
C PRO A 380 -20.86 6.36 -29.17
N GLU A 381 -21.07 6.26 -30.49
CA GLU A 381 -19.96 6.40 -31.42
C GLU A 381 -19.53 7.84 -31.56
N THR A 382 -20.47 8.78 -31.46
CA THR A 382 -20.16 10.18 -31.54
C THR A 382 -21.10 10.93 -30.60
N LEU A 383 -20.59 11.97 -29.98
CA LEU A 383 -21.45 12.84 -29.20
C LEU A 383 -21.71 14.11 -29.98
N THR A 384 -22.85 14.73 -29.71
CA THR A 384 -23.32 15.96 -30.33
C THR A 384 -23.75 16.92 -29.24
N ILE A 385 -23.41 18.22 -29.42
CA ILE A 385 -23.94 19.29 -28.58
C ILE A 385 -25.35 19.64 -29.03
N SER A 386 -26.30 19.69 -28.09
CA SER A 386 -27.67 20.18 -28.35
C SER A 386 -27.65 21.69 -28.67
N GLU A 387 -28.79 22.22 -29.12
CA GLU A 387 -28.89 23.63 -29.48
C GLU A 387 -28.28 24.53 -28.40
N LYS A 388 -27.48 25.50 -28.85
CA LYS A 388 -26.83 26.45 -27.95
C LYS A 388 -27.78 27.60 -27.58
N PHE A 389 -28.08 27.74 -26.32
CA PHE A 389 -28.94 28.82 -25.83
C PHE A 389 -28.10 29.81 -25.01
N THR A 390 -28.58 31.05 -24.86
CA THR A 390 -27.96 31.94 -23.89
C THR A 390 -27.98 31.28 -22.50
N VAL A 391 -26.86 31.32 -21.78
CA VAL A 391 -26.81 30.87 -20.39
C VAL A 391 -26.55 32.07 -19.50
N VAL A 392 -27.16 32.09 -18.32
CA VAL A 392 -27.06 33.22 -17.41
C VAL A 392 -26.43 32.73 -16.12
N ALA A 393 -25.51 33.53 -15.56
CA ALA A 393 -24.84 33.14 -14.31
C ALA A 393 -25.85 33.00 -13.16
N ILE A 394 -25.49 32.18 -12.18
CA ILE A 394 -26.39 31.81 -11.09
C ILE A 394 -25.68 32.11 -9.75
N SER A 395 -26.32 32.90 -8.89
CA SER A 395 -25.76 33.12 -7.56
C SER A 395 -26.44 32.22 -6.53
N PRO A 396 -25.79 31.85 -5.43
CA PRO A 396 -26.49 31.07 -4.40
C PRO A 396 -27.59 31.92 -3.77
N PRO A 397 -28.77 31.33 -3.50
CA PRO A 397 -29.89 32.15 -2.99
C PRO A 397 -29.74 32.58 -1.55
N ARG A 398 -28.78 32.04 -0.80
CA ARG A 398 -28.59 32.43 0.60
C ARG A 398 -27.30 31.79 1.04
N LYS A 399 -26.77 32.26 2.17
CA LYS A 399 -25.59 31.66 2.79
C LYS A 399 -26.08 30.60 3.77
N ASN A 400 -25.42 29.45 3.81
CA ASN A 400 -25.90 28.47 4.79
C ASN A 400 -25.20 28.58 6.14
N GLY A 401 -24.18 29.45 6.26
CA GLY A 401 -23.54 29.64 7.56
C GLY A 401 -22.60 28.48 7.85
N GLY A 402 -22.27 28.30 9.13
CA GLY A 402 -21.39 27.21 9.55
C GLY A 402 -19.94 27.49 9.27
N TRP A 403 -19.59 28.69 8.81
CA TRP A 403 -18.22 28.94 8.38
C TRP A 403 -17.82 30.37 8.76
N GLY A 404 -18.13 30.76 9.99
CA GLY A 404 -17.72 32.10 10.43
C GLY A 404 -16.46 32.07 11.31
N ASP A 405 -15.99 30.91 11.68
CA ASP A 405 -14.91 30.82 12.66
C ASP A 405 -13.59 31.18 11.97
N ILE A 406 -12.90 32.20 12.49
CA ILE A 406 -11.67 32.62 11.81
C ILE A 406 -10.58 31.53 11.78
N ARG A 407 -10.60 30.56 12.70
CA ARG A 407 -9.61 29.48 12.61
C ARG A 407 -9.85 28.60 11.36
N ASP A 408 -11.12 28.33 11.01
CA ASP A 408 -11.41 27.60 9.76
C ASP A 408 -10.96 28.41 8.52
N HIS A 409 -11.19 29.73 8.56
CA HIS A 409 -10.71 30.57 7.48
C HIS A 409 -9.21 30.46 7.34
N GLU A 410 -8.47 30.67 8.45
CA GLU A 410 -7.02 30.68 8.39
C GLU A 410 -6.45 29.32 7.96
N LEU A 411 -6.97 28.24 8.53
CA LEU A 411 -6.44 26.91 8.18
C LEU A 411 -6.71 26.62 6.70
N CYS A 412 -7.91 26.94 6.27
CA CYS A 412 -8.31 26.70 4.89
C CYS A 412 -7.40 27.46 3.94
N LYS A 413 -7.06 28.72 4.28
CA LYS A 413 -6.14 29.49 3.48
C LYS A 413 -4.70 28.95 3.51
N SER A 414 -4.27 28.30 4.61
CA SER A 414 -2.89 27.86 4.68
C SER A 414 -2.58 26.71 3.70
N TYR A 415 -3.61 26.02 3.16
CA TYR A 415 -3.31 24.88 2.27
C TYR A 415 -2.54 25.33 1.05
N ARG A 416 -2.80 26.54 0.59
CA ARG A 416 -2.07 26.99 -0.58
C ARG A 416 -0.56 27.11 -0.32
N ARG A 417 -0.13 27.31 0.91
CA ARG A 417 1.31 27.39 1.18
C ARG A 417 1.95 26.00 1.27
N ALA B 56 18.35 9.01 18.26
CA ALA B 56 17.05 9.15 17.59
C ALA B 56 16.65 10.62 17.45
N ASP B 57 15.81 10.89 16.45
CA ASP B 57 15.34 12.22 16.05
C ASP B 57 14.03 12.04 15.26
N ASN B 58 13.52 13.14 14.70
CA ASN B 58 12.17 13.21 14.12
C ASN B 58 11.87 12.06 13.17
N LEU B 59 12.63 11.96 12.07
CA LEU B 59 12.38 10.90 11.11
C LEU B 59 12.53 9.51 11.73
N THR B 60 13.52 9.32 12.59
CA THR B 60 13.69 7.99 13.19
C THR B 60 12.46 7.61 14.00
N LEU B 61 11.97 8.55 14.83
CA LEU B 61 10.81 8.30 15.67
C LEU B 61 9.54 8.14 14.84
N ARG B 62 9.42 8.87 13.73
CA ARG B 62 8.31 8.64 12.82
C ARG B 62 8.33 7.23 12.28
N TYR B 63 9.51 6.74 11.85
CA TYR B 63 9.54 5.40 11.29
C TYR B 63 9.08 4.36 12.31
N ARG B 64 9.40 4.57 13.61
CA ARG B 64 9.04 3.58 14.61
C ARG B 64 7.52 3.49 14.74
N SER B 65 6.84 4.65 14.81
CA SER B 65 5.38 4.65 14.92
C SER B 65 4.75 3.97 13.73
N LEU B 66 5.24 4.29 12.56
CA LEU B 66 4.72 3.77 11.32
C LEU B 66 4.87 2.24 11.21
N VAL B 67 6.04 1.72 11.56
CA VAL B 67 6.28 0.29 11.54
C VAL B 67 5.31 -0.42 12.49
N TYR B 68 5.14 0.15 13.67
CA TYR B 68 4.23 -0.47 14.63
C TYR B 68 2.82 -0.56 14.07
N GLN B 69 2.33 0.50 13.41
CA GLN B 69 0.93 0.48 12.98
C GLN B 69 0.74 -0.44 11.79
N LEU B 70 1.69 -0.43 10.84
CA LEU B 70 1.58 -1.28 9.65
C LEU B 70 1.70 -2.77 10.01
N ASN B 71 2.54 -3.12 11.02
CA ASN B 71 2.61 -4.51 11.49
C ASN B 71 1.33 -4.92 12.20
N PHE B 72 0.62 -3.96 12.76
CA PHE B 72 -0.69 -4.23 13.35
C PHE B 72 -1.79 -4.34 12.26
N ASP B 73 -1.81 -3.44 11.28
CA ASP B 73 -2.94 -3.41 10.34
C ASP B 73 -2.85 -4.55 9.34
N GLN B 74 -1.65 -4.84 8.84
CA GLN B 74 -1.41 -5.97 7.93
C GLN B 74 -2.34 -5.88 6.70
N THR B 75 -2.23 -4.74 5.99
CA THR B 75 -3.07 -4.53 4.82
C THR B 75 -2.66 -5.48 3.70
N LEU B 76 -3.60 -6.27 3.21
CA LEU B 76 -3.31 -7.32 2.20
C LEU B 76 -3.61 -6.79 0.80
N ARG B 77 -2.62 -6.66 -0.05
CA ARG B 77 -2.85 -6.14 -1.40
C ARG B 77 -3.27 -7.25 -2.35
N ASN B 78 -4.19 -6.90 -3.26
CA ASN B 78 -4.65 -7.72 -4.38
C ASN B 78 -5.58 -8.83 -3.94
N VAL B 79 -6.18 -8.70 -2.76
CA VAL B 79 -7.19 -9.64 -2.29
C VAL B 79 -8.50 -8.88 -2.11
N ASP B 80 -9.60 -9.45 -2.60
CA ASP B 80 -10.94 -8.95 -2.27
C ASP B 80 -11.53 -9.75 -1.11
N GLY B 83 -14.95 -13.07 -2.10
CA GLY B 83 -14.01 -12.93 -1.01
C GLY B 83 -13.67 -14.21 -0.24
N THR B 84 -13.56 -15.32 -0.96
CA THR B 84 -13.35 -16.63 -0.32
C THR B 84 -11.88 -17.04 -0.31
N TRP B 85 -10.96 -16.14 -0.64
CA TRP B 85 -9.54 -16.50 -0.73
C TRP B 85 -8.92 -16.68 0.65
N ALA B 86 -8.02 -17.66 0.76
CA ALA B 86 -7.25 -17.92 1.97
C ALA B 86 -5.93 -18.52 1.48
N PRO B 87 -4.82 -18.24 2.13
CA PRO B 87 -3.54 -18.81 1.68
C PRO B 87 -3.61 -20.31 1.85
N ARG B 88 -3.16 -21.01 0.82
CA ARG B 88 -3.23 -22.47 0.78
C ARG B 88 -1.93 -23.02 0.14
N GLU B 89 -1.49 -24.17 0.62
CA GLU B 89 -0.32 -24.87 0.05
C GLU B 89 1.03 -24.17 0.27
N LEU B 90 1.23 -22.96 -0.26
CA LEU B 90 2.52 -22.27 -0.17
C LEU B 90 2.34 -20.78 0.06
N VAL B 91 3.17 -20.26 0.94
CA VAL B 91 3.36 -18.84 1.22
C VAL B 91 4.86 -18.52 1.06
N LEU B 92 5.20 -17.40 0.40
CA LEU B 92 6.60 -16.97 0.30
C LEU B 92 6.87 -15.85 1.30
N VAL B 93 8.02 -15.90 1.98
CA VAL B 93 8.48 -14.80 2.83
C VAL B 93 9.86 -14.40 2.32
N VAL B 94 9.99 -13.14 1.92
CA VAL B 94 11.23 -12.61 1.33
C VAL B 94 11.86 -11.69 2.36
N GLN B 95 13.10 -11.99 2.77
CA GLN B 95 13.83 -11.05 3.60
C GLN B 95 14.44 -9.97 2.72
N VAL B 96 14.10 -8.69 2.99
CA VAL B 96 14.50 -7.53 2.19
C VAL B 96 15.33 -6.56 3.03
N HIS B 97 16.48 -6.17 2.50
CA HIS B 97 17.28 -5.13 3.11
C HIS B 97 17.26 -3.90 2.19
N ASN B 98 18.34 -3.56 1.50
CA ASN B 98 18.32 -2.31 0.72
C ASN B 98 19.07 -2.50 -0.59
N ARG B 99 18.66 -3.46 -1.38
CA ARG B 99 19.26 -3.68 -2.69
C ARG B 99 18.14 -3.71 -3.70
N PRO B 100 17.60 -2.53 -4.07
CA PRO B 100 16.45 -2.46 -4.99
C PRO B 100 16.69 -3.10 -6.35
N GLU B 101 17.89 -3.04 -6.89
CA GLU B 101 18.14 -3.61 -8.21
C GLU B 101 18.01 -5.15 -8.17
N TYR B 102 18.32 -5.77 -7.06
CA TYR B 102 18.11 -7.22 -6.96
C TYR B 102 16.65 -7.53 -6.69
N LEU B 103 16.02 -6.74 -5.83
CA LEU B 103 14.60 -6.92 -5.56
C LEU B 103 13.81 -6.83 -6.87
N ARG B 104 14.21 -5.92 -7.76
CA ARG B 104 13.48 -5.77 -9.03
C ARG B 104 13.59 -7.04 -9.85
N LEU B 105 14.77 -7.68 -9.81
CA LEU B 105 14.97 -8.91 -10.56
C LEU B 105 14.15 -10.05 -9.97
N LEU B 106 14.11 -10.17 -8.64
CA LEU B 106 13.26 -11.17 -8.04
C LEU B 106 11.78 -10.94 -8.41
N LEU B 107 11.33 -9.69 -8.40
CA LEU B 107 9.92 -9.43 -8.75
C LEU B 107 9.65 -9.82 -10.21
N ASP B 108 10.61 -9.59 -11.10
CA ASP B 108 10.48 -10.08 -12.47
C ASP B 108 10.25 -11.59 -12.54
N SER B 109 10.99 -12.38 -11.75
CA SER B 109 10.89 -13.83 -11.85
C SER B 109 9.53 -14.28 -11.32
N LEU B 110 9.04 -13.57 -10.29
CA LEU B 110 7.72 -13.84 -9.75
C LEU B 110 6.62 -13.51 -10.75
N ARG B 111 6.78 -12.39 -11.48
CA ARG B 111 5.79 -12.02 -12.50
C ARG B 111 5.75 -13.08 -13.58
N LYS B 112 6.92 -13.65 -13.91
CA LYS B 112 7.00 -14.66 -14.96
C LYS B 112 6.67 -16.04 -14.45
N ALA B 113 6.54 -16.25 -13.18
CA ALA B 113 6.26 -17.58 -12.68
C ALA B 113 4.81 -17.97 -13.00
N GLN B 114 4.63 -19.22 -13.39
CA GLN B 114 3.31 -19.74 -13.71
C GLN B 114 2.54 -20.11 -12.45
N GLY B 115 1.26 -19.80 -12.44
CA GLY B 115 0.36 -20.44 -11.51
C GLY B 115 0.36 -19.94 -10.10
N ILE B 116 0.86 -18.73 -9.83
CA ILE B 116 0.97 -18.25 -8.49
C ILE B 116 0.01 -17.10 -8.18
N ASP B 117 -1.09 -16.96 -8.96
CA ASP B 117 -2.09 -15.91 -8.72
C ASP B 117 -2.61 -15.93 -7.30
N ASN B 118 -2.62 -17.09 -6.66
CA ASN B 118 -3.20 -17.21 -5.33
C ASN B 118 -2.16 -17.43 -4.23
N VAL B 119 -0.87 -17.34 -4.56
CA VAL B 119 0.21 -17.54 -3.58
C VAL B 119 0.49 -16.23 -2.82
N LEU B 120 0.36 -16.24 -1.49
CA LEU B 120 0.69 -15.03 -0.75
C LEU B 120 2.20 -14.84 -0.70
N VAL B 121 2.68 -13.63 -1.04
CA VAL B 121 4.09 -13.28 -0.90
C VAL B 121 4.21 -12.22 0.19
N ILE B 122 4.91 -12.53 1.28
CA ILE B 122 5.14 -11.61 2.37
C ILE B 122 6.54 -11.01 2.16
N PHE B 123 6.68 -9.70 2.08
CA PHE B 123 8.01 -9.08 2.08
C PHE B 123 8.30 -8.54 3.49
N SER B 124 9.42 -8.96 4.08
CA SER B 124 9.84 -8.56 5.44
C SER B 124 11.03 -7.63 5.32
N HIS B 125 10.88 -6.37 5.78
CA HIS B 125 11.82 -5.27 5.55
C HIS B 125 12.58 -4.86 6.81
N ASP B 126 13.89 -4.68 6.68
CA ASP B 126 14.55 -3.97 7.75
C ASP B 126 15.02 -2.60 7.31
N PHE B 127 14.47 -2.09 6.20
CA PHE B 127 14.88 -0.76 5.76
C PHE B 127 13.71 -0.12 5.04
N TRP B 128 13.31 1.10 5.48
CA TRP B 128 12.21 1.79 4.83
C TRP B 128 12.78 2.63 3.69
N SER B 129 12.29 2.41 2.45
CA SER B 129 12.64 3.41 1.44
C SER B 129 11.53 3.56 0.40
N THR B 130 11.46 4.77 -0.18
CA THR B 130 10.43 5.03 -1.17
C THR B 130 10.60 4.10 -2.34
N GLU B 131 11.85 3.93 -2.81
CA GLU B 131 12.16 3.06 -3.94
C GLU B 131 11.75 1.61 -3.70
N ILE B 132 12.05 1.08 -2.53
CA ILE B 132 11.73 -0.31 -2.21
C ILE B 132 10.22 -0.48 -2.13
N ASN B 133 9.53 0.44 -1.42
CA ASN B 133 8.08 0.27 -1.31
C ASN B 133 7.39 0.43 -2.68
N GLN B 134 7.93 1.30 -3.53
CA GLN B 134 7.34 1.48 -4.85
C GLN B 134 7.51 0.22 -5.70
N LEU B 135 8.67 -0.45 -5.60
CA LEU B 135 8.85 -1.72 -6.32
C LEU B 135 7.79 -2.72 -5.92
N ILE B 136 7.61 -2.92 -4.61
CA ILE B 136 6.65 -3.90 -4.16
C ILE B 136 5.19 -3.48 -4.47
N ALA B 137 4.89 -2.17 -4.41
CA ALA B 137 3.56 -1.69 -4.73
C ALA B 137 3.17 -1.97 -6.16
N GLY B 138 4.16 -2.14 -7.04
CA GLY B 138 3.89 -2.48 -8.42
C GLY B 138 3.43 -3.91 -8.63
N VAL B 139 3.55 -4.79 -7.63
CA VAL B 139 3.05 -6.13 -7.83
C VAL B 139 1.52 -6.08 -7.88
N ASN B 140 0.91 -6.37 -9.04
CA ASN B 140 -0.56 -6.41 -9.13
C ASN B 140 -1.06 -7.85 -9.31
N PHE B 141 -0.18 -8.86 -9.23
CA PHE B 141 -0.51 -10.20 -9.79
C PHE B 141 -0.60 -11.34 -8.76
N CYS B 142 -0.35 -11.09 -7.48
CA CYS B 142 -0.58 -12.11 -6.44
C CYS B 142 -0.81 -11.37 -5.12
N PRO B 143 -1.39 -12.03 -4.11
CA PRO B 143 -1.52 -11.37 -2.79
C PRO B 143 -0.16 -10.98 -2.22
N VAL B 144 -0.10 -9.77 -1.64
CA VAL B 144 1.13 -9.20 -1.10
C VAL B 144 0.87 -8.61 0.29
N LEU B 145 1.78 -8.90 1.22
CA LEU B 145 1.76 -8.30 2.55
C LEU B 145 3.17 -7.80 2.80
N GLN B 146 3.32 -6.58 3.31
CA GLN B 146 4.63 -6.12 3.80
C GLN B 146 4.62 -6.07 5.33
N VAL B 147 5.65 -6.64 5.98
CA VAL B 147 5.85 -6.50 7.42
C VAL B 147 7.24 -5.89 7.66
N PHE B 148 7.46 -5.33 8.86
CA PHE B 148 8.64 -4.49 9.07
C PHE B 148 9.36 -4.88 10.35
N PHE B 149 10.60 -5.32 10.21
CA PHE B 149 11.38 -5.71 11.39
C PHE B 149 11.51 -4.50 12.34
N PRO B 150 11.00 -4.57 13.58
CA PRO B 150 10.90 -3.36 14.39
C PRO B 150 12.16 -2.99 15.16
N PHE B 151 13.25 -3.75 15.05
CA PHE B 151 14.48 -3.49 15.80
C PHE B 151 15.66 -3.30 14.87
N SER B 152 15.42 -2.64 13.74
CA SER B 152 16.45 -2.49 12.74
C SER B 152 17.41 -1.36 13.12
N ILE B 153 18.56 -1.33 12.45
CA ILE B 153 19.50 -0.24 12.66
C ILE B 153 18.90 1.09 12.20
N GLN B 154 18.12 1.07 11.11
CA GLN B 154 17.49 2.33 10.70
C GLN B 154 16.66 2.93 11.85
N LEU B 155 15.97 2.08 12.63
CA LEU B 155 15.08 2.52 13.70
C LEU B 155 15.81 2.85 14.99
N TYR B 156 17.01 2.26 15.20
CA TYR B 156 17.81 2.42 16.41
C TYR B 156 19.27 2.72 16.05
N PRO B 157 19.55 3.87 15.41
CA PRO B 157 20.90 4.04 14.84
C PRO B 157 22.01 4.22 15.87
N ASN B 158 21.75 4.97 16.94
CA ASN B 158 22.77 5.38 17.89
C ASN B 158 22.54 4.77 19.26
N GLU B 159 21.82 3.65 19.32
CA GLU B 159 21.64 2.90 20.55
C GLU B 159 21.49 1.45 20.15
N PHE B 160 21.63 0.55 21.12
CA PHE B 160 21.49 -0.88 20.83
C PHE B 160 20.07 -1.17 20.29
N PRO B 161 19.92 -1.98 19.23
CA PRO B 161 20.85 -2.86 18.52
C PRO B 161 21.60 -2.21 17.40
N GLY B 162 21.42 -0.90 17.22
CA GLY B 162 22.34 -0.17 16.38
C GLY B 162 23.64 0.01 17.17
N SER B 163 24.35 1.13 16.94
CA SER B 163 25.65 1.36 17.55
C SER B 163 25.54 2.41 18.66
N ASP B 164 25.49 1.96 19.92
CA ASP B 164 25.62 2.89 21.03
C ASP B 164 27.04 3.48 21.06
N PRO B 165 27.20 4.81 21.20
CA PRO B 165 28.56 5.39 21.32
C PRO B 165 29.44 4.79 22.40
N ARG B 166 28.87 4.23 23.46
CA ARG B 166 29.69 3.63 24.51
C ARG B 166 30.03 2.16 24.25
N ASP B 167 29.61 1.54 23.12
CA ASP B 167 29.95 0.13 22.88
C ASP B 167 31.43 -0.02 22.59
N CYS B 168 31.98 -1.21 22.81
CA CYS B 168 33.39 -1.42 22.52
C CYS B 168 33.60 -1.51 21.00
N PRO B 169 34.68 -0.93 20.46
CA PRO B 169 35.03 -1.23 19.06
C PRO B 169 35.30 -2.73 18.86
N ARG B 170 35.00 -3.19 17.64
CA ARG B 170 35.08 -4.61 17.29
C ARG B 170 36.41 -5.22 17.71
N ASP B 171 37.51 -4.56 17.37
CA ASP B 171 38.85 -5.11 17.53
C ASP B 171 39.60 -4.54 18.75
N LEU B 172 38.94 -3.82 19.62
CA LEU B 172 39.66 -3.35 20.82
C LEU B 172 39.96 -4.59 21.66
N PRO B 173 41.20 -4.83 22.08
CA PRO B 173 41.45 -6.05 22.87
C PRO B 173 40.71 -5.95 24.20
N LYS B 174 40.41 -7.12 24.79
CA LYS B 174 39.59 -7.15 26.01
C LYS B 174 40.24 -6.38 27.15
N ASN B 175 41.57 -6.45 27.28
CA ASN B 175 42.20 -5.78 28.40
C ASN B 175 42.08 -4.25 28.29
N ALA B 176 42.25 -3.70 27.08
CA ALA B 176 41.94 -2.27 26.89
C ALA B 176 40.44 -1.98 27.06
N ALA B 177 39.59 -2.92 26.63
CA ALA B 177 38.15 -2.73 26.76
C ALA B 177 37.73 -2.64 28.23
N LEU B 178 38.29 -3.49 29.09
CA LEU B 178 37.93 -3.45 30.51
C LEU B 178 38.43 -2.16 31.18
N LYS B 179 39.59 -1.67 30.76
CA LYS B 179 40.08 -0.41 31.32
C LYS B 179 39.24 0.76 30.84
N LEU B 180 38.78 0.71 29.56
CA LEU B 180 37.93 1.77 29.04
C LEU B 180 36.55 1.75 29.71
N GLY B 181 36.06 0.57 30.09
CA GLY B 181 34.72 0.44 30.60
C GLY B 181 33.63 0.50 29.54
N CYS B 182 33.93 0.16 28.30
CA CYS B 182 32.87 0.27 27.30
C CYS B 182 31.81 -0.80 27.61
N ILE B 183 30.56 -0.52 27.22
CA ILE B 183 29.36 -1.22 27.65
C ILE B 183 29.57 -2.73 27.64
N ASN B 184 30.07 -3.28 26.54
CA ASN B 184 30.05 -4.73 26.41
C ASN B 184 31.42 -5.37 26.66
N ALA B 185 32.30 -4.71 27.44
CA ALA B 185 33.69 -5.17 27.55
C ALA B 185 33.81 -6.61 28.04
N GLU B 186 32.93 -7.04 28.93
CA GLU B 186 33.07 -8.38 29.47
C GLU B 186 32.48 -9.47 28.59
N TYR B 187 31.90 -9.16 27.43
CA TYR B 187 31.23 -10.18 26.61
C TYR B 187 31.64 -10.12 25.15
N PRO B 188 32.93 -10.29 24.85
CA PRO B 188 33.34 -10.50 23.47
C PRO B 188 32.85 -11.87 22.99
N ASP B 189 32.93 -12.08 21.67
CA ASP B 189 32.63 -13.40 21.13
C ASP B 189 33.78 -14.37 21.39
N SER B 190 33.69 -15.57 20.80
CA SER B 190 34.65 -16.63 21.04
C SER B 190 36.03 -16.27 20.56
N PHE B 191 36.17 -15.25 19.75
CA PHE B 191 37.50 -14.92 19.26
C PHE B 191 38.00 -13.63 19.86
N GLY B 192 37.34 -13.13 20.90
CA GLY B 192 37.83 -11.92 21.54
C GLY B 192 37.40 -10.66 20.82
N HIS B 193 36.39 -10.71 19.96
CA HIS B 193 35.94 -9.51 19.25
C HIS B 193 34.57 -9.07 19.72
N TYR B 194 34.33 -7.77 19.65
CA TYR B 194 33.06 -7.22 20.12
C TYR B 194 32.14 -7.05 18.93
N ARG B 195 30.85 -6.85 19.21
CA ARG B 195 29.79 -6.90 18.20
C ARG B 195 29.90 -5.79 17.17
N GLU B 196 29.51 -6.07 15.92
CA GLU B 196 29.19 -5.01 14.94
C GLU B 196 27.72 -5.03 14.57
N ALA B 197 27.00 -3.91 14.77
CA ALA B 197 25.54 -3.95 14.59
C ALA B 197 25.14 -4.47 13.20
N LYS B 198 25.82 -4.03 12.14
CA LYS B 198 25.40 -4.46 10.82
C LYS B 198 25.56 -5.96 10.61
N PHE B 199 26.44 -6.62 11.37
CA PHE B 199 26.53 -8.05 11.23
C PHE B 199 25.60 -8.79 12.13
N SER B 200 25.04 -8.13 13.16
CA SER B 200 24.03 -8.80 13.97
C SER B 200 22.62 -8.73 13.35
N GLN B 201 22.36 -7.76 12.48
CA GLN B 201 20.99 -7.44 12.06
C GLN B 201 20.33 -8.60 11.28
N THR B 202 21.08 -9.27 10.40
CA THR B 202 20.43 -10.29 9.55
C THR B 202 19.87 -11.43 10.39
N LYS B 203 20.63 -11.88 11.41
CA LYS B 203 20.15 -13.01 12.20
C LYS B 203 18.96 -12.60 13.07
N HIS B 204 19.02 -11.40 13.65
CA HIS B 204 17.86 -10.87 14.39
C HIS B 204 16.62 -10.84 13.47
N HIS B 205 16.76 -10.22 12.32
CA HIS B 205 15.65 -10.13 11.37
C HIS B 205 15.13 -11.52 11.02
N TRP B 206 16.04 -12.48 10.78
CA TRP B 206 15.61 -13.82 10.35
C TRP B 206 14.78 -14.50 11.43
N TRP B 207 15.22 -14.43 12.70
CA TRP B 207 14.44 -15.11 13.72
C TRP B 207 13.15 -14.34 14.01
N TRP B 208 13.25 -13.01 14.05
CA TRP B 208 12.04 -12.23 14.32
C TRP B 208 10.95 -12.58 13.32
N LYS B 209 11.31 -12.65 12.03
CA LYS B 209 10.26 -12.78 11.03
C LYS B 209 9.75 -14.21 10.95
N LEU B 210 10.60 -15.19 11.31
CA LEU B 210 10.12 -16.56 11.45
C LEU B 210 8.94 -16.60 12.42
N HIS B 211 9.14 -16.05 13.60
CA HIS B 211 8.05 -16.05 14.57
C HIS B 211 6.89 -15.15 14.10
N PHE B 212 7.20 -14.02 13.46
CA PHE B 212 6.11 -13.10 13.15
C PHE B 212 5.16 -13.72 12.12
N VAL B 213 5.69 -14.32 11.05
CA VAL B 213 4.80 -14.88 10.02
C VAL B 213 4.02 -16.07 10.56
N TRP B 214 4.64 -16.89 11.41
CA TRP B 214 3.93 -18.08 11.83
C TRP B 214 2.94 -17.82 12.95
N GLU B 215 3.11 -16.76 13.74
CA GLU B 215 2.28 -16.52 14.91
C GLU B 215 1.60 -15.16 14.96
N ARG B 216 2.07 -14.14 14.21
CA ARG B 216 1.49 -12.80 14.37
C ARG B 216 0.78 -12.29 13.11
N VAL B 217 0.80 -13.03 12.01
CA VAL B 217 0.14 -12.60 10.78
C VAL B 217 -1.27 -13.17 10.77
N LYS B 218 -2.27 -12.30 10.85
CA LYS B 218 -3.64 -12.76 11.11
C LYS B 218 -4.15 -13.69 9.99
N ILE B 219 -3.81 -13.39 8.73
CA ILE B 219 -4.34 -14.21 7.62
C ILE B 219 -3.73 -15.62 7.60
N LEU B 220 -2.66 -15.88 8.38
CA LEU B 220 -2.02 -17.20 8.48
C LEU B 220 -2.45 -17.98 9.72
N ARG B 221 -3.43 -17.47 10.46
CA ARG B 221 -3.95 -18.23 11.60
C ARG B 221 -4.49 -19.57 11.12
N ASP B 222 -4.09 -20.64 11.82
CA ASP B 222 -4.43 -22.01 11.43
C ASP B 222 -3.98 -22.34 10.00
N TYR B 223 -2.92 -21.70 9.52
CA TYR B 223 -2.41 -22.03 8.20
C TYR B 223 -1.82 -23.44 8.24
N ALA B 224 -2.15 -24.24 7.23
CA ALA B 224 -1.76 -25.63 7.22
C ALA B 224 -0.81 -25.98 6.08
N GLY B 225 -0.31 -25.02 5.31
CA GLY B 225 0.59 -25.31 4.21
C GLY B 225 2.04 -25.11 4.64
N LEU B 226 2.93 -24.88 3.68
CA LEU B 226 4.33 -24.65 4.01
C LEU B 226 4.69 -23.21 3.74
N ILE B 227 5.76 -22.73 4.38
CA ILE B 227 6.21 -21.36 4.13
C ILE B 227 7.63 -21.45 3.60
N LEU B 228 7.90 -20.75 2.49
CA LEU B 228 9.17 -20.87 1.81
C LEU B 228 9.93 -19.57 2.06
N PHE B 229 11.15 -19.69 2.61
CA PHE B 229 11.93 -18.53 2.99
C PHE B 229 13.00 -18.23 1.94
N LEU B 230 13.05 -17.00 1.48
CA LEU B 230 14.08 -16.61 0.52
C LEU B 230 14.41 -15.13 0.74
N GLU B 231 15.23 -14.57 -0.16
CA GLU B 231 15.77 -13.24 0.02
C GLU B 231 15.60 -12.42 -1.25
N GLU B 232 15.73 -11.10 -1.10
CA GLU B 232 15.59 -10.15 -2.20
C GLU B 232 16.55 -10.44 -3.34
N ASP B 233 17.67 -11.13 -3.10
CA ASP B 233 18.61 -11.28 -4.21
C ASP B 233 18.59 -12.67 -4.79
N HIS B 234 17.50 -13.40 -4.62
CA HIS B 234 17.25 -14.63 -5.36
C HIS B 234 16.38 -14.37 -6.61
N TYR B 235 16.30 -15.40 -7.43
CA TYR B 235 15.57 -15.39 -8.70
C TYR B 235 14.88 -16.75 -8.83
N LEU B 236 13.56 -16.78 -9.07
CA LEU B 236 12.86 -18.07 -9.06
C LEU B 236 12.60 -18.60 -10.49
N ALA B 237 12.77 -19.93 -10.69
CA ALA B 237 12.42 -20.50 -12.01
C ALA B 237 10.91 -20.44 -12.22
N PRO B 238 10.44 -20.32 -13.50
CA PRO B 238 8.99 -20.12 -13.73
C PRO B 238 8.12 -21.29 -13.32
N ASP B 239 8.68 -22.51 -13.20
CA ASP B 239 7.92 -23.66 -12.74
C ASP B 239 8.12 -23.94 -11.25
N PHE B 240 8.63 -22.95 -10.45
CA PHE B 240 9.02 -23.28 -9.08
C PHE B 240 7.82 -23.75 -8.25
N TYR B 241 6.64 -23.16 -8.48
CA TYR B 241 5.46 -23.53 -7.70
C TYR B 241 4.88 -24.88 -8.15
N HIS B 242 4.73 -25.08 -9.47
CA HIS B 242 4.46 -26.40 -10.04
C HIS B 242 5.33 -27.48 -9.43
N VAL B 243 6.64 -27.24 -9.34
CA VAL B 243 7.55 -28.27 -8.82
C VAL B 243 7.37 -28.43 -7.31
N PHE B 244 7.23 -27.30 -6.59
CA PHE B 244 7.03 -27.35 -5.13
C PHE B 244 5.87 -28.25 -4.77
N LYS B 245 4.73 -28.09 -5.45
CA LYS B 245 3.56 -28.89 -5.12
C LYS B 245 3.80 -30.37 -5.34
N LYS B 246 4.45 -30.74 -6.46
CA LYS B 246 4.75 -32.15 -6.66
C LYS B 246 5.80 -32.64 -5.67
N MET B 247 6.76 -31.79 -5.29
CA MET B 247 7.75 -32.19 -4.29
C MET B 247 7.07 -32.52 -2.98
N TRP B 248 6.14 -31.66 -2.55
CA TRP B 248 5.45 -31.91 -1.29
C TRP B 248 4.62 -33.19 -1.35
N LYS B 249 3.92 -33.45 -2.48
CA LYS B 249 3.22 -34.73 -2.57
C LYS B 249 4.21 -35.89 -2.51
N LEU B 250 5.34 -35.74 -3.20
CA LEU B 250 6.30 -36.84 -3.21
C LEU B 250 6.83 -37.09 -1.80
N LYS B 251 7.06 -36.01 -1.05
CA LYS B 251 7.47 -36.12 0.36
C LYS B 251 6.46 -36.91 1.18
N GLN B 252 5.17 -36.59 1.05
CA GLN B 252 4.14 -37.35 1.76
C GLN B 252 4.04 -38.80 1.29
N GLN B 253 4.32 -39.07 0.02
CA GLN B 253 4.19 -40.44 -0.47
C GLN B 253 5.42 -41.29 -0.17
N GLU B 254 6.63 -40.73 -0.30
CA GLU B 254 7.83 -41.53 -0.35
C GLU B 254 8.90 -41.12 0.64
N CYS B 255 8.84 -39.93 1.23
CA CYS B 255 9.87 -39.49 2.18
C CYS B 255 9.24 -38.99 3.48
N PRO B 256 8.71 -39.91 4.29
CA PRO B 256 8.25 -39.54 5.64
C PRO B 256 9.35 -38.92 6.49
N GLU B 257 10.61 -39.34 6.27
CA GLU B 257 11.76 -38.89 7.06
C GLU B 257 12.32 -37.53 6.63
N CYS B 258 11.80 -36.94 5.54
CA CYS B 258 12.21 -35.60 5.11
C CYS B 258 11.53 -34.58 6.00
N ASP B 259 12.32 -33.62 6.53
CA ASP B 259 11.78 -32.58 7.40
C ASP B 259 11.49 -31.27 6.70
N VAL B 260 12.24 -30.92 5.65
CA VAL B 260 12.15 -29.62 4.99
C VAL B 260 12.36 -29.83 3.51
N LEU B 261 11.94 -28.83 2.72
CA LEU B 261 12.17 -28.82 1.28
C LEU B 261 13.10 -27.67 0.95
N SER B 262 13.92 -27.87 -0.07
CA SER B 262 14.73 -26.82 -0.66
C SER B 262 14.37 -26.70 -2.14
N LEU B 263 14.36 -25.47 -2.66
CA LEU B 263 14.10 -25.30 -4.09
C LEU B 263 15.33 -25.53 -4.95
N GLY B 264 16.52 -25.60 -4.36
CA GLY B 264 17.69 -25.98 -5.14
C GLY B 264 18.95 -25.52 -4.46
N THR B 265 20.06 -26.14 -4.86
CA THR B 265 21.38 -25.71 -4.38
C THR B 265 21.91 -24.66 -5.37
N TYR B 266 23.18 -24.35 -5.25
CA TYR B 266 23.86 -23.38 -6.09
C TYR B 266 24.42 -23.96 -7.38
N SER B 267 24.30 -25.29 -7.63
CA SER B 267 24.90 -25.92 -8.80
C SER B 267 23.85 -26.14 -9.86
N ALA B 268 24.05 -25.60 -11.07
CA ALA B 268 23.09 -25.78 -12.17
C ALA B 268 23.74 -26.44 -13.36
N SER B 269 23.22 -27.60 -13.76
CA SER B 269 23.66 -28.19 -15.00
C SER B 269 23.25 -27.33 -16.16
N ARG B 270 24.07 -27.35 -17.20
CA ARG B 270 23.84 -26.58 -18.42
C ARG B 270 22.66 -27.15 -19.22
N SER B 271 22.52 -28.48 -19.24
CA SER B 271 21.36 -29.16 -19.82
C SER B 271 20.56 -29.79 -18.71
N PHE B 272 19.25 -29.59 -18.72
CA PHE B 272 18.36 -30.20 -17.74
C PHE B 272 17.92 -31.61 -18.11
N TYR B 273 18.35 -32.18 -19.24
CA TYR B 273 17.89 -33.50 -19.67
C TYR B 273 18.10 -34.60 -18.63
N GLY B 274 17.05 -35.39 -18.38
CA GLY B 274 17.16 -36.46 -17.41
C GLY B 274 17.22 -36.01 -15.96
N MET B 275 17.25 -34.71 -15.70
CA MET B 275 17.43 -34.20 -14.33
C MET B 275 16.34 -33.26 -13.86
N ALA B 276 15.58 -32.65 -14.78
CA ALA B 276 14.59 -31.67 -14.38
C ALA B 276 13.41 -32.29 -13.65
N ASP B 277 13.27 -33.60 -13.72
CA ASP B 277 12.17 -34.28 -13.02
C ASP B 277 12.65 -35.07 -11.81
N LYS B 278 13.88 -34.85 -11.36
CA LYS B 278 14.48 -35.66 -10.31
C LYS B 278 14.68 -34.83 -9.05
N VAL B 279 14.50 -35.47 -7.90
CA VAL B 279 14.75 -34.88 -6.59
C VAL B 279 15.56 -35.87 -5.79
N ASP B 280 16.29 -35.36 -4.78
CA ASP B 280 17.18 -36.17 -3.94
C ASP B 280 16.82 -35.98 -2.47
N VAL B 281 17.08 -36.98 -1.65
CA VAL B 281 16.99 -36.86 -0.19
C VAL B 281 18.42 -36.73 0.34
N LYS B 282 18.68 -35.67 1.10
CA LYS B 282 20.02 -35.33 1.56
C LYS B 282 19.96 -34.81 2.99
N THR B 283 21.09 -34.86 3.71
CA THR B 283 21.22 -34.11 4.95
C THR B 283 21.18 -32.62 4.64
N TRP B 284 20.30 -31.87 5.28
CA TRP B 284 20.32 -30.42 5.09
C TRP B 284 21.65 -29.84 5.55
N LYS B 285 22.29 -29.11 4.64
CA LYS B 285 23.60 -28.48 4.86
C LYS B 285 23.47 -26.97 4.58
N SER B 286 23.80 -26.13 5.58
CA SER B 286 23.55 -24.69 5.46
C SER B 286 24.22 -24.07 4.22
N THR B 287 25.42 -24.51 3.88
CA THR B 287 26.12 -23.88 2.76
C THR B 287 25.53 -24.27 1.41
N GLU B 288 24.70 -25.29 1.36
CA GLU B 288 24.11 -25.74 0.10
C GLU B 288 22.64 -25.48 0.00
N HIS B 289 21.94 -25.49 1.14
CA HIS B 289 20.48 -25.54 1.12
C HIS B 289 19.85 -24.36 1.84
N ASN B 290 20.57 -23.24 2.00
CA ASN B 290 19.98 -22.10 2.71
C ASN B 290 19.09 -21.22 1.83
N MET B 291 18.93 -21.56 0.56
CA MET B 291 18.25 -20.71 -0.41
C MET B 291 16.92 -21.38 -0.73
N GLY B 292 15.83 -20.70 -0.41
CA GLY B 292 14.51 -21.23 -0.73
C GLY B 292 14.12 -22.43 0.12
N LEU B 293 14.20 -22.23 1.44
CA LEU B 293 13.94 -23.26 2.44
C LEU B 293 12.44 -23.28 2.79
N ALA B 294 11.78 -24.42 2.60
CA ALA B 294 10.35 -24.50 2.86
C ALA B 294 10.11 -25.30 4.14
N LEU B 295 9.36 -24.70 5.07
CA LEU B 295 9.10 -25.25 6.39
C LEU B 295 7.60 -25.53 6.58
N THR B 296 7.31 -26.62 7.27
CA THR B 296 5.99 -26.94 7.82
C THR B 296 5.75 -26.23 9.16
N ARG B 297 4.48 -26.19 9.58
CA ARG B 297 4.17 -25.77 10.94
C ARG B 297 4.94 -26.60 11.97
N ASN B 298 5.11 -27.90 11.72
CA ASN B 298 5.78 -28.79 12.67
C ASN B 298 7.25 -28.42 12.81
N ALA B 299 7.90 -28.16 11.68
CA ALA B 299 9.28 -27.74 11.72
C ALA B 299 9.40 -26.37 12.36
N TYR B 300 8.46 -25.47 12.07
CA TYR B 300 8.46 -24.20 12.76
C TYR B 300 8.39 -24.45 14.27
N GLN B 301 7.47 -25.30 14.70
CA GLN B 301 7.29 -25.46 16.14
C GLN B 301 8.58 -25.97 16.81
N LYS B 302 9.25 -26.94 16.18
CA LYS B 302 10.52 -27.44 16.73
C LYS B 302 11.56 -26.34 16.74
N LEU B 303 11.60 -25.51 15.69
CA LEU B 303 12.54 -24.40 15.64
C LEU B 303 12.30 -23.40 16.77
N ILE B 304 11.06 -22.97 16.95
CA ILE B 304 10.86 -21.85 17.89
C ILE B 304 11.11 -22.32 19.32
N GLU B 305 10.88 -23.63 19.59
CA GLU B 305 11.25 -24.19 20.90
C GLU B 305 12.77 -24.21 21.12
N CYS B 306 13.57 -24.02 20.06
CA CYS B 306 15.03 -23.93 20.18
C CYS B 306 15.50 -22.48 20.20
N THR B 307 14.58 -21.55 20.49
CA THR B 307 14.92 -20.11 20.53
C THR B 307 16.15 -19.84 21.42
N ASP B 308 16.18 -20.41 22.62
CA ASP B 308 17.26 -20.06 23.57
C ASP B 308 18.63 -20.51 23.04
N THR B 309 18.70 -21.67 22.36
CA THR B 309 19.95 -22.12 21.73
C THR B 309 20.29 -21.27 20.50
N PHE B 310 19.31 -21.05 19.60
CA PHE B 310 19.55 -20.22 18.42
C PHE B 310 20.04 -18.84 18.84
N CYS B 311 19.40 -18.26 19.86
CA CYS B 311 19.71 -16.88 20.27
C CYS B 311 20.99 -16.74 21.11
N THR B 312 21.52 -17.83 21.67
CA THR B 312 22.78 -17.76 22.42
C THR B 312 23.95 -18.39 21.68
N TYR B 313 23.75 -19.25 20.69
CA TYR B 313 24.91 -19.84 19.99
C TYR B 313 25.76 -18.75 19.32
N ASP B 314 27.06 -18.84 19.49
CA ASP B 314 27.97 -17.76 19.05
C ASP B 314 28.36 -17.91 17.56
N ASP B 315 27.40 -17.59 16.71
CA ASP B 315 27.61 -17.45 15.27
C ASP B 315 26.56 -16.46 14.75
N TYR B 316 27.00 -15.36 14.13
CA TYR B 316 26.08 -14.35 13.67
C TYR B 316 25.29 -14.78 12.42
N ASN B 317 25.61 -15.91 11.80
CA ASN B 317 24.88 -16.36 10.62
C ASN B 317 23.65 -17.16 11.05
N TRP B 318 22.46 -16.73 10.58
CA TRP B 318 21.25 -17.50 10.87
C TRP B 318 21.40 -18.93 10.37
N ASP B 319 22.04 -19.13 9.22
CA ASP B 319 22.01 -20.49 8.64
C ASP B 319 23.04 -21.45 9.26
N TRP B 320 24.24 -20.97 9.63
CA TRP B 320 25.16 -21.81 10.43
C TRP B 320 24.54 -22.12 11.78
N THR B 321 23.82 -21.15 12.36
CA THR B 321 23.12 -21.41 13.63
C THR B 321 22.07 -22.52 13.46
N LEU B 322 21.27 -22.48 12.38
CA LEU B 322 20.37 -23.62 12.13
C LEU B 322 21.15 -24.93 12.03
N GLN B 323 22.30 -24.93 11.35
CA GLN B 323 23.06 -26.19 11.30
C GLN B 323 23.38 -26.68 12.71
N TYR B 324 23.75 -25.74 13.59
CA TYR B 324 24.03 -26.13 14.96
C TYR B 324 22.77 -26.73 15.61
N LEU B 325 21.59 -26.14 15.33
CA LEU B 325 20.35 -26.70 15.89
C LEU B 325 20.13 -28.13 15.44
N THR B 326 20.47 -28.44 14.17
CA THR B 326 20.20 -29.79 13.68
C THR B 326 20.93 -30.84 14.47
N VAL B 327 22.07 -30.52 15.10
CA VAL B 327 22.78 -31.50 15.92
C VAL B 327 22.70 -31.25 17.42
N SER B 328 22.12 -30.15 17.88
CA SER B 328 22.21 -29.87 19.31
C SER B 328 20.91 -29.39 19.95
N CYS B 329 19.76 -29.48 19.29
CA CYS B 329 18.53 -29.01 19.89
C CYS B 329 17.30 -29.63 19.23
N LEU B 330 17.26 -29.66 17.89
CA LEU B 330 16.13 -30.27 17.17
C LEU B 330 16.07 -31.76 17.51
N PRO B 331 14.87 -32.36 17.50
CA PRO B 331 14.77 -33.78 17.88
C PRO B 331 15.49 -34.73 16.93
N LYS B 332 15.58 -34.39 15.64
CA LYS B 332 16.42 -35.17 14.77
C LYS B 332 17.01 -34.26 13.71
N PHE B 333 18.18 -34.64 13.19
CA PHE B 333 18.85 -33.78 12.23
C PHE B 333 18.00 -33.67 10.95
N TRP B 334 18.07 -32.52 10.29
CA TRP B 334 17.18 -32.28 9.17
C TRP B 334 17.63 -33.03 7.93
N LYS B 335 16.70 -33.78 7.33
CA LYS B 335 16.88 -34.26 5.97
C LYS B 335 16.05 -33.38 5.06
N VAL B 336 16.59 -33.05 3.90
CA VAL B 336 15.92 -32.14 2.97
C VAL B 336 15.63 -32.87 1.65
N LEU B 337 14.47 -32.57 1.07
CA LEU B 337 14.15 -32.99 -0.29
C LEU B 337 14.48 -31.85 -1.25
N VAL B 338 15.29 -32.14 -2.27
CA VAL B 338 15.85 -31.06 -3.07
C VAL B 338 15.94 -31.49 -4.54
N PRO B 339 15.55 -30.64 -5.48
CA PRO B 339 15.64 -31.04 -6.90
C PRO B 339 17.08 -31.09 -7.37
N GLN B 340 17.28 -31.89 -8.42
CA GLN B 340 18.59 -31.98 -9.07
C GLN B 340 18.88 -30.74 -9.90
N ILE B 341 17.85 -30.12 -10.47
CA ILE B 341 17.96 -28.85 -11.18
C ILE B 341 17.38 -27.77 -10.27
N PRO B 342 18.15 -26.79 -9.83
CA PRO B 342 17.60 -25.80 -8.90
C PRO B 342 16.47 -25.01 -9.55
N ARG B 343 15.44 -24.72 -8.77
CA ARG B 343 14.38 -23.82 -9.16
C ARG B 343 14.52 -22.44 -8.50
N ILE B 344 15.64 -22.16 -7.83
CA ILE B 344 15.94 -20.86 -7.26
C ILE B 344 17.41 -20.60 -7.52
N PHE B 345 17.75 -19.35 -7.74
CA PHE B 345 19.10 -19.02 -8.13
C PHE B 345 19.58 -17.79 -7.40
N HIS B 346 20.90 -17.69 -7.28
CA HIS B 346 21.53 -16.48 -6.76
C HIS B 346 22.53 -16.04 -7.83
N ALA B 347 22.11 -15.10 -8.65
CA ALA B 347 22.99 -14.48 -9.63
C ALA B 347 23.75 -13.32 -8.95
N SER B 364 22.51 -12.65 -14.35
CA SER B 364 21.06 -12.76 -14.19
C SER B 364 20.42 -13.00 -15.54
N ALA B 365 20.97 -12.34 -16.56
CA ALA B 365 20.65 -12.68 -17.93
C ALA B 365 21.15 -14.08 -18.28
N GLN B 366 22.28 -14.48 -17.71
CA GLN B 366 22.77 -15.85 -17.84
C GLN B 366 21.76 -16.84 -17.29
N ILE B 367 21.14 -16.52 -16.15
CA ILE B 367 20.10 -17.39 -15.59
C ILE B 367 18.91 -17.46 -16.54
N GLU B 368 18.51 -16.32 -17.11
CA GLU B 368 17.37 -16.35 -18.01
C GLU B 368 17.70 -17.13 -19.28
N SER B 369 18.93 -17.00 -19.79
CA SER B 369 19.31 -17.78 -20.98
C SER B 369 19.32 -19.27 -20.66
N LEU B 370 19.87 -19.63 -19.49
CA LEU B 370 19.85 -21.02 -19.05
C LEU B 370 18.43 -21.57 -19.04
N LEU B 371 17.51 -20.86 -18.39
CA LEU B 371 16.14 -21.35 -18.32
C LEU B 371 15.52 -21.43 -19.70
N ASN B 372 15.75 -20.42 -20.54
CA ASN B 372 15.09 -20.41 -21.84
C ASN B 372 15.69 -21.47 -22.78
N ASN B 373 16.96 -21.84 -22.58
CA ASN B 373 17.52 -22.94 -23.40
C ASN B 373 16.93 -24.28 -23.02
N ASN B 374 16.46 -24.44 -21.79
CA ASN B 374 15.91 -25.67 -21.26
C ASN B 374 14.38 -25.62 -21.07
N LYS B 375 13.68 -24.76 -21.84
CA LYS B 375 12.22 -24.63 -21.72
C LYS B 375 11.54 -25.97 -21.77
N GLN B 376 11.95 -26.82 -22.73
CA GLN B 376 11.29 -28.09 -22.96
C GLN B 376 11.29 -28.98 -21.73
N TYR B 377 12.19 -28.74 -20.76
CA TYR B 377 12.32 -29.58 -19.58
C TYR B 377 11.60 -29.04 -18.37
N MET B 378 11.16 -27.78 -18.39
CA MET B 378 10.44 -27.24 -17.24
CA MET B 378 10.46 -27.26 -17.22
C MET B 378 9.05 -27.85 -17.17
N PHE B 379 8.42 -27.68 -16.01
CA PHE B 379 7.07 -28.17 -15.74
C PHE B 379 7.02 -29.68 -15.96
N PRO B 380 7.91 -30.48 -15.34
CA PRO B 380 7.85 -31.94 -15.56
C PRO B 380 6.51 -32.49 -15.09
N GLU B 381 6.06 -33.55 -15.74
CA GLU B 381 4.74 -34.11 -15.44
C GLU B 381 4.74 -34.81 -14.10
N THR B 382 5.83 -35.49 -13.76
CA THR B 382 5.87 -36.22 -12.50
C THR B 382 7.31 -36.17 -11.99
N LEU B 383 7.44 -36.10 -10.67
CA LEU B 383 8.76 -36.13 -10.05
C LEU B 383 9.05 -37.52 -9.52
N THR B 384 10.33 -37.82 -9.41
CA THR B 384 10.88 -39.08 -8.92
C THR B 384 12.01 -38.82 -7.93
N ILE B 385 12.08 -39.61 -6.86
CA ILE B 385 13.24 -39.60 -5.97
C ILE B 385 14.35 -40.49 -6.55
N SER B 386 15.55 -39.93 -6.69
CA SER B 386 16.69 -40.77 -7.06
C SER B 386 17.02 -41.67 -5.86
N GLU B 387 17.82 -42.72 -6.10
CA GLU B 387 18.11 -43.67 -5.03
C GLU B 387 18.54 -42.94 -3.76
N LYS B 388 17.87 -43.26 -2.66
CA LYS B 388 18.22 -42.65 -1.39
C LYS B 388 19.37 -43.42 -0.77
N PHE B 389 20.45 -42.72 -0.47
CA PHE B 389 21.57 -43.34 0.20
C PHE B 389 21.48 -42.90 1.66
N THR B 390 22.05 -43.71 2.57
CA THR B 390 22.03 -43.33 3.98
C THR B 390 22.71 -41.97 4.13
N VAL B 391 22.04 -41.06 4.84
CA VAL B 391 22.60 -39.75 5.13
C VAL B 391 22.82 -39.68 6.64
N VAL B 392 23.81 -38.86 7.02
CA VAL B 392 24.29 -38.69 8.38
C VAL B 392 24.15 -37.23 8.81
N ALA B 393 23.96 -37.00 10.12
CA ALA B 393 23.92 -35.62 10.62
C ALA B 393 25.25 -34.92 10.34
N ILE B 394 25.18 -33.60 10.25
CA ILE B 394 26.32 -32.76 9.93
C ILE B 394 26.33 -31.62 10.95
N SER B 395 27.43 -31.52 11.77
CA SER B 395 27.49 -30.37 12.66
C SER B 395 28.26 -29.24 11.98
N PRO B 396 28.05 -27.99 12.38
CA PRO B 396 28.85 -26.91 11.78
C PRO B 396 30.32 -27.14 12.06
N PRO B 397 31.20 -26.94 11.07
CA PRO B 397 32.62 -27.31 11.24
C PRO B 397 33.37 -26.34 12.12
N ARG B 398 32.76 -25.18 12.44
CA ARG B 398 33.38 -24.17 13.27
C ARG B 398 32.34 -23.11 13.58
N LYS B 399 32.64 -22.35 14.64
CA LYS B 399 31.89 -21.17 15.02
C LYS B 399 32.51 -19.98 14.28
N ASN B 400 31.64 -19.13 13.75
CA ASN B 400 32.11 -17.90 13.14
C ASN B 400 32.14 -16.74 14.10
N GLY B 401 31.64 -16.90 15.34
CA GLY B 401 31.74 -15.75 16.25
C GLY B 401 30.76 -14.67 15.81
N GLY B 402 30.94 -13.43 16.33
CA GLY B 402 30.02 -12.33 15.99
C GLY B 402 28.72 -12.31 16.80
N TRP B 403 28.56 -13.16 17.79
CA TRP B 403 27.28 -13.29 18.49
C TRP B 403 27.56 -13.63 19.94
N GLY B 404 28.49 -12.90 20.57
CA GLY B 404 28.84 -13.12 22.00
C GLY B 404 28.16 -12.09 22.90
N ASP B 405 27.54 -11.04 22.31
CA ASP B 405 27.03 -9.92 23.12
C ASP B 405 25.72 -10.32 23.79
N ILE B 406 25.67 -10.25 25.13
CA ILE B 406 24.45 -10.75 25.75
C ILE B 406 23.21 -9.91 25.41
N ARG B 407 23.36 -8.65 24.97
CA ARG B 407 22.18 -7.89 24.56
C ARG B 407 21.60 -8.47 23.26
N ASP B 408 22.48 -8.95 22.36
CA ASP B 408 21.99 -9.67 21.17
C ASP B 408 21.25 -10.93 21.57
N HIS B 409 21.79 -11.67 22.55
CA HIS B 409 21.11 -12.87 23.02
C HIS B 409 19.72 -12.52 23.55
N GLU B 410 19.64 -11.50 24.41
CA GLU B 410 18.37 -11.11 25.07
C GLU B 410 17.35 -10.61 24.07
N LEU B 411 17.75 -9.74 23.17
CA LEU B 411 16.78 -9.23 22.20
C LEU B 411 16.24 -10.38 21.33
N CYS B 412 17.12 -11.28 20.90
CA CYS B 412 16.73 -12.40 20.03
C CYS B 412 15.73 -13.30 20.74
N LYS B 413 15.95 -13.57 22.02
CA LYS B 413 15.02 -14.40 22.81
C LYS B 413 13.67 -13.73 23.00
N SER B 414 13.63 -12.39 23.06
CA SER B 414 12.37 -11.71 23.36
C SER B 414 11.34 -11.82 22.21
N TYR B 415 11.78 -12.20 20.98
CA TYR B 415 10.81 -12.20 19.86
C TYR B 415 9.69 -13.18 20.10
N ARG B 416 9.96 -14.25 20.82
CA ARG B 416 8.99 -15.33 21.04
C ARG B 416 7.80 -14.94 21.91
#